data_5ZQC
#
_entry.id   5ZQC
#
_cell.length_a   74.884
_cell.length_b   98.850
_cell.length_c   77.441
_cell.angle_alpha   90.00
_cell.angle_beta   104.21
_cell.angle_gamma   90.00
#
_symmetry.space_group_name_H-M   'P 1 21 1'
#
loop_
_entity.id
_entity.type
_entity.pdbx_description
1 polymer 'Lmo2812 protein'
2 non-polymer '(2R,4S)-2-[(1R)-1-{[(2R)-2-amino-2-phenylacetyl]amino}-2-oxoethyl]-5,5-dimethyl-1,3-thiazolidine-4-carboxylic acid'
3 non-polymer GLYCEROL
4 water water
#
_entity_poly.entity_id   1
_entity_poly.type   'polypeptide(L)'
_entity_poly.pdbx_seq_one_letter_code
;HHHHHHDYDIPTTENLYFQGAMGSSTEQPNLYLSANAAAVYSVENGEALYEQNADKVMPIASLSKLMTAFLVLEAVDNNE
LSWDEKLDLVRLDDPSAVSLYAITQKRTWSVRDLYSAMLTMSANDAAETLGDRLDGADFPKEMNNQAKKLGMSSKTTFVS
ASGLDVDGKSAVSTTKDLFLLSSKLISTHPEVLETTSKPTVTTDKGAKLESTNDLLGSIQGLDGLKTGFTDEAGYCFIGT
AERGGKRVISIVLDAGTAEKRFKDTEKLMEVGFKED
;
_entity_poly.pdbx_strand_id   A,B,C,D
#
loop_
_chem_comp.id
_chem_comp.type
_chem_comp.name
_chem_comp.formula
AIX non-polymer '(2R,4S)-2-[(1R)-1-{[(2R)-2-amino-2-phenylacetyl]amino}-2-oxoethyl]-5,5-dimethyl-1,3-thiazolidine-4-carboxylic acid' 'C16 H21 N3 O4 S'
GOL non-polymer GLYCEROL 'C3 H8 O3'
#
# COMPACT_ATOMS: atom_id res chain seq x y z
N GLN A 28 8.24 30.61 24.08
CA GLN A 28 8.11 30.49 22.63
C GLN A 28 9.06 31.43 21.86
N PRO A 29 10.34 31.47 22.22
CA PRO A 29 11.23 32.47 21.62
C PRO A 29 11.59 32.11 20.18
N ASN A 30 11.68 33.13 19.33
CA ASN A 30 12.13 32.94 17.97
C ASN A 30 13.58 32.46 17.95
N LEU A 31 13.91 31.65 16.95
CA LEU A 31 15.27 31.14 16.77
C LEU A 31 16.08 31.92 15.73
N TYR A 32 15.44 32.69 14.86
CA TYR A 32 16.09 33.36 13.73
C TYR A 32 16.87 32.36 12.87
N LEU A 33 16.10 31.50 12.23
CA LEU A 33 16.63 30.44 11.40
C LEU A 33 16.84 30.92 9.98
N SER A 34 17.82 30.32 9.30
CA SER A 34 17.93 30.55 7.87
C SER A 34 16.76 29.90 7.14
N ALA A 35 16.39 28.69 7.54
CA ALA A 35 15.36 27.92 6.84
C ALA A 35 14.05 28.67 6.71
N ASN A 36 13.39 28.47 5.56
CA ASN A 36 12.05 28.98 5.35
C ASN A 36 11.02 28.21 6.16
N ALA A 37 11.21 26.89 6.31
CA ALA A 37 10.33 26.05 7.11
C ALA A 37 11.16 25.16 8.00
N ALA A 38 10.81 25.07 9.28
CA ALA A 38 11.64 24.28 10.19
C ALA A 38 10.81 23.85 11.39
N ALA A 39 11.27 22.80 12.05
CA ALA A 39 10.56 22.30 13.23
C ALA A 39 11.43 21.28 13.95
N VAL A 40 11.10 21.02 15.21
CA VAL A 40 11.70 19.94 15.96
C VAL A 40 10.63 19.33 16.87
N TYR A 41 10.59 18.00 16.90
CA TYR A 41 9.52 17.26 17.55
C TYR A 41 10.09 16.26 18.53
N SER A 42 9.34 15.99 19.59
CA SER A 42 9.67 14.89 20.48
C SER A 42 9.10 13.60 19.91
N VAL A 43 9.92 12.55 19.86
CA VAL A 43 9.42 11.27 19.34
C VAL A 43 8.44 10.64 20.33
N GLU A 44 8.67 10.84 21.63
CA GLU A 44 7.90 10.13 22.64
C GLU A 44 6.41 10.43 22.53
N ASN A 45 6.05 11.69 22.25
CA ASN A 45 4.65 12.05 22.10
C ASN A 45 4.32 12.67 20.74
N GLY A 46 5.30 12.77 19.84
CA GLY A 46 5.03 13.39 18.56
C GLY A 46 4.76 14.88 18.61
N GLU A 47 5.05 15.53 19.73
CA GLU A 47 4.62 16.92 19.92
C GLU A 47 5.68 17.90 19.44
N ALA A 48 5.21 18.99 18.85
CA ALA A 48 6.10 20.03 18.37
C ALA A 48 6.74 20.78 19.55
N LEU A 49 8.05 21.01 19.46
CA LEU A 49 8.73 21.90 20.38
C LEU A 49 9.07 23.24 19.75
N TYR A 50 9.20 23.28 18.43
CA TYR A 50 9.34 24.50 17.64
C TYR A 50 8.75 24.22 16.27
N GLU A 51 8.01 25.18 15.71
CA GLU A 51 7.46 25.04 14.37
C GLU A 51 7.47 26.39 13.64
N GLN A 52 7.87 26.34 12.37
CA GLN A 52 7.84 27.51 11.50
C GLN A 52 7.40 27.04 10.12
N ASN A 53 6.20 27.48 9.70
CA ASN A 53 5.64 27.07 8.40
C ASN A 53 5.49 25.55 8.32
N ALA A 54 5.06 24.95 9.42
CA ALA A 54 5.01 23.49 9.55
C ALA A 54 4.01 22.84 8.61
N ASP A 55 3.07 23.62 8.09
CA ASP A 55 2.03 23.13 7.19
C ASP A 55 2.28 23.52 5.75
N LYS A 56 3.41 24.16 5.46
CA LYS A 56 3.69 24.70 4.13
C LYS A 56 4.26 23.62 3.22
N VAL A 57 3.68 23.51 2.03
CA VAL A 57 4.16 22.54 1.05
C VAL A 57 5.48 23.01 0.47
N MET A 58 6.52 22.18 0.60
CA MET A 58 7.90 22.53 0.32
C MET A 58 8.56 21.46 -0.55
N PRO A 59 9.36 21.85 -1.54
CA PRO A 59 10.17 20.85 -2.25
C PRO A 59 11.18 20.19 -1.32
N ILE A 60 11.31 18.86 -1.43
CA ILE A 60 12.13 18.10 -0.49
C ILE A 60 13.29 17.36 -1.14
N ALA A 61 13.28 17.15 -2.46
CA ALA A 61 14.45 16.63 -3.17
C ALA A 61 14.99 15.35 -2.53
N SER A 62 16.28 15.35 -2.15
CA SER A 62 16.95 14.12 -1.73
C SER A 62 16.40 13.56 -0.41
N LEU A 63 15.64 14.35 0.35
CA LEU A 63 14.95 13.79 1.51
C LEU A 63 14.03 12.65 1.12
N SER A 64 13.63 12.58 -0.16
CA SER A 64 12.89 11.44 -0.70
C SER A 64 13.59 10.11 -0.43
N LYS A 65 14.92 10.13 -0.33
CA LYS A 65 15.66 8.88 -0.18
C LYS A 65 15.34 8.18 1.14
N LEU A 66 14.77 8.90 2.12
CA LEU A 66 14.35 8.22 3.33
C LEU A 66 13.20 7.27 3.06
N MET A 67 12.29 7.64 2.14
CA MET A 67 11.23 6.72 1.77
C MET A 67 11.79 5.52 1.01
N THR A 68 12.75 5.76 0.13
CA THR A 68 13.39 4.65 -0.56
C THR A 68 14.07 3.72 0.43
N ALA A 69 14.81 4.28 1.39
CA ALA A 69 15.41 3.49 2.46
C ALA A 69 14.36 2.66 3.18
N PHE A 70 13.25 3.28 3.55
CA PHE A 70 12.18 2.55 4.24
C PHE A 70 11.75 1.36 3.41
N LEU A 71 11.53 1.58 2.12
CA LEU A 71 11.01 0.51 1.27
C LEU A 71 12.09 -0.55 0.95
N VAL A 72 13.37 -0.16 0.95
CA VAL A 72 14.41 -1.19 0.84
C VAL A 72 14.38 -2.09 2.07
N LEU A 73 14.29 -1.48 3.26
CA LEU A 73 14.32 -2.25 4.49
C LEU A 73 13.09 -3.14 4.63
N GLU A 74 11.91 -2.64 4.20
CA GLU A 74 10.73 -3.51 4.19
C GLU A 74 10.94 -4.72 3.28
N ALA A 75 11.62 -4.51 2.15
CA ALA A 75 11.83 -5.58 1.17
C ALA A 75 12.71 -6.69 1.71
N VAL A 76 13.83 -6.32 2.37
CA VAL A 76 14.66 -7.34 3.01
C VAL A 76 13.86 -8.10 4.08
N ASP A 77 13.17 -7.36 4.95
CA ASP A 77 12.38 -8.02 5.99
C ASP A 77 11.34 -8.97 5.41
N ASN A 78 10.75 -8.60 4.27
CA ASN A 78 9.67 -9.38 3.68
C ASN A 78 10.18 -10.48 2.75
N ASN A 79 11.47 -10.81 2.84
CA ASN A 79 12.08 -11.88 2.04
C ASN A 79 11.99 -11.61 0.54
N GLU A 80 11.99 -10.33 0.14
CA GLU A 80 11.90 -9.95 -1.26
C GLU A 80 13.17 -9.31 -1.78
N LEU A 81 14.17 -9.09 -0.92
CA LEU A 81 15.38 -8.39 -1.33
C LEU A 81 16.53 -8.88 -0.48
N SER A 82 17.65 -9.17 -1.14
CA SER A 82 18.86 -9.65 -0.49
C SER A 82 19.89 -8.53 -0.43
N TRP A 83 20.58 -8.42 0.71
CA TRP A 83 21.62 -7.40 0.84
C TRP A 83 22.80 -7.66 -0.11
N ASP A 84 23.02 -8.92 -0.49
CA ASP A 84 24.17 -9.29 -1.31
C ASP A 84 23.88 -9.33 -2.81
N GLU A 85 22.63 -9.14 -3.22
CA GLU A 85 22.36 -9.11 -4.65
C GLU A 85 23.13 -7.97 -5.32
N LYS A 86 23.72 -8.26 -6.46
CA LYS A 86 24.50 -7.28 -7.21
C LYS A 86 23.63 -6.68 -8.31
N LEU A 87 23.66 -5.35 -8.42
CA LEU A 87 22.84 -4.59 -9.35
C LEU A 87 23.72 -3.62 -10.13
N ASP A 88 23.34 -3.35 -11.37
CA ASP A 88 24.04 -2.39 -12.21
C ASP A 88 23.39 -1.02 -12.07
N LEU A 89 24.20 0.00 -11.81
CA LEU A 89 23.68 1.34 -11.62
C LEU A 89 22.90 1.82 -12.85
N VAL A 90 21.66 2.24 -12.62
CA VAL A 90 20.90 2.88 -13.68
C VAL A 90 21.57 4.19 -14.08
N ARG A 91 21.39 4.60 -15.32
CA ARG A 91 22.02 5.82 -15.82
C ARG A 91 21.07 7.00 -15.68
N LEU A 92 21.58 8.11 -15.16
CA LEU A 92 20.81 9.33 -14.98
C LEU A 92 20.84 10.17 -16.26
N ASP A 93 19.78 10.96 -16.45
CA ASP A 93 19.68 11.84 -17.61
C ASP A 93 20.82 12.85 -17.66
N ALA A 97 24.01 15.71 -11.50
CA ALA A 97 23.66 14.99 -10.27
C ALA A 97 24.86 14.25 -9.70
N VAL A 98 24.90 14.15 -8.37
CA VAL A 98 25.93 13.36 -7.69
C VAL A 98 25.66 11.88 -7.97
N SER A 99 26.61 11.21 -8.62
CA SER A 99 26.40 9.82 -9.04
C SER A 99 27.55 8.94 -8.58
N LEU A 100 27.20 7.78 -8.01
CA LEU A 100 28.19 6.80 -7.61
C LEU A 100 29.04 6.33 -8.79
N TYR A 101 28.42 6.19 -9.97
CA TYR A 101 29.18 5.70 -11.13
C TYR A 101 30.27 6.67 -11.53
N ALA A 102 29.97 7.97 -11.57
CA ALA A 102 30.94 8.94 -12.04
C ALA A 102 32.16 8.98 -11.12
N ILE A 103 31.92 8.92 -9.82
CA ILE A 103 32.99 9.03 -8.82
C ILE A 103 33.90 7.81 -8.85
N THR A 104 33.35 6.62 -9.13
CA THR A 104 34.09 5.37 -9.02
C THR A 104 34.39 4.69 -10.35
N GLN A 105 33.62 4.97 -11.39
CA GLN A 105 33.70 4.26 -12.66
C GLN A 105 33.44 2.76 -12.49
N LYS A 106 32.67 2.40 -11.47
CA LYS A 106 32.25 1.02 -11.24
C LYS A 106 30.74 0.96 -11.31
N ARG A 107 30.22 0.10 -12.17
CA ARG A 107 28.77 0.09 -12.36
C ARG A 107 28.05 -0.90 -11.45
N THR A 108 28.70 -1.98 -11.02
CA THR A 108 28.02 -3.05 -10.29
C THR A 108 28.26 -2.91 -8.79
N TRP A 109 27.18 -2.99 -8.01
CA TRP A 109 27.25 -2.81 -6.56
C TRP A 109 26.24 -3.70 -5.87
N SER A 110 26.57 -4.13 -4.67
CA SER A 110 25.60 -4.89 -3.88
C SER A 110 24.47 -3.97 -3.44
N VAL A 111 23.33 -4.58 -3.11
CA VAL A 111 22.22 -3.82 -2.56
C VAL A 111 22.67 -3.07 -1.31
N ARG A 112 23.41 -3.76 -0.44
CA ARG A 112 23.95 -3.12 0.77
C ARG A 112 24.70 -1.83 0.45
N ASP A 113 25.64 -1.89 -0.49
CA ASP A 113 26.44 -0.70 -0.77
C ASP A 113 25.63 0.38 -1.48
N LEU A 114 24.69 -0.02 -2.36
CA LEU A 114 23.80 0.97 -2.96
C LEU A 114 22.99 1.71 -1.88
N TYR A 115 22.52 0.98 -0.88
CA TYR A 115 21.77 1.58 0.21
C TYR A 115 22.67 2.49 1.05
N SER A 116 23.91 2.07 1.30
CA SER A 116 24.83 2.94 2.02
C SER A 116 25.15 4.20 1.23
N ALA A 117 25.35 4.06 -0.08
CA ALA A 117 25.68 5.24 -0.90
C ALA A 117 24.52 6.22 -0.96
N MET A 118 23.30 5.71 -1.08
CA MET A 118 22.12 6.57 -1.08
C MET A 118 22.03 7.39 0.20
N LEU A 119 22.25 6.75 1.36
CA LEU A 119 22.08 7.44 2.63
C LEU A 119 23.25 8.33 3.00
N THR A 120 24.48 7.94 2.66
CA THR A 120 25.66 8.68 3.12
C THR A 120 26.01 9.83 2.17
N MET A 121 26.30 9.51 0.90
CA MET A 121 26.73 10.53 -0.05
C MET A 121 25.56 11.07 -0.88
N SER A 122 24.36 10.52 -0.72
CA SER A 122 23.19 10.98 -1.49
C SER A 122 23.43 10.79 -2.99
N ALA A 123 23.84 9.58 -3.37
CA ALA A 123 24.06 9.23 -4.77
C ALA A 123 22.71 8.95 -5.43
N ASN A 124 22.33 9.82 -6.36
CA ASN A 124 21.02 9.69 -7.01
C ASN A 124 20.90 8.38 -7.77
N ASP A 125 21.96 7.98 -8.48
CA ASP A 125 21.84 6.79 -9.31
C ASP A 125 21.69 5.56 -8.42
N ALA A 126 22.33 5.55 -7.25
CA ALA A 126 22.11 4.49 -6.27
C ALA A 126 20.66 4.41 -5.85
N ALA A 127 20.06 5.56 -5.51
CA ALA A 127 18.65 5.58 -5.10
C ALA A 127 17.75 5.07 -6.23
N GLU A 128 18.01 5.50 -7.46
CA GLU A 128 17.17 5.10 -8.58
C GLU A 128 17.34 3.63 -8.91
N THR A 129 18.55 3.09 -8.73
CA THR A 129 18.76 1.67 -8.96
C THR A 129 17.97 0.83 -7.96
N LEU A 130 17.91 1.29 -6.71
CA LEU A 130 17.18 0.55 -5.69
C LEU A 130 15.69 0.57 -5.97
N GLY A 131 15.14 1.74 -6.30
CA GLY A 131 13.72 1.85 -6.58
C GLY A 131 13.32 1.03 -7.80
N ASP A 132 14.19 1.01 -8.81
CA ASP A 132 13.88 0.24 -10.01
C ASP A 132 13.87 -1.27 -9.73
N ARG A 133 14.81 -1.74 -8.90
CA ARG A 133 14.80 -3.15 -8.51
C ARG A 133 13.56 -3.51 -7.71
N LEU A 134 13.05 -2.56 -6.91
CA LEU A 134 11.91 -2.84 -6.04
C LEU A 134 10.60 -2.91 -6.82
N ASP A 135 10.36 -1.94 -7.72
CA ASP A 135 9.06 -1.91 -8.38
C ASP A 135 9.11 -1.33 -9.79
N GLY A 136 10.27 -1.32 -10.44
CA GLY A 136 10.36 -0.84 -11.81
C GLY A 136 9.87 0.60 -11.93
N ALA A 137 9.13 0.87 -13.01
CA ALA A 137 8.55 2.19 -13.20
C ALA A 137 7.55 2.53 -12.11
N ASP A 138 6.92 1.54 -11.49
CA ASP A 138 5.87 1.77 -10.52
C ASP A 138 6.38 2.18 -9.14
N PHE A 139 7.68 2.43 -8.98
CA PHE A 139 8.17 2.75 -7.64
C PHE A 139 7.59 4.04 -7.05
N PRO A 140 7.42 5.15 -7.78
CA PRO A 140 6.78 6.32 -7.15
C PRO A 140 5.39 6.05 -6.60
N LYS A 141 4.55 5.33 -7.36
CA LYS A 141 3.26 4.90 -6.84
C LYS A 141 3.41 4.13 -5.52
N GLU A 142 4.46 3.32 -5.40
CA GLU A 142 4.69 2.58 -4.16
C GLU A 142 5.14 3.51 -3.04
N MET A 143 5.93 4.53 -3.37
CA MET A 143 6.33 5.52 -2.37
C MET A 143 5.13 6.25 -1.79
N ASN A 144 4.19 6.67 -2.65
CA ASN A 144 3.02 7.38 -2.19
C ASN A 144 2.00 6.45 -1.53
N ASN A 145 1.93 5.20 -1.97
CA ASN A 145 1.14 4.21 -1.25
C ASN A 145 1.64 4.09 0.20
N GLN A 146 2.95 3.99 0.36
CA GLN A 146 3.54 3.84 1.68
C GLN A 146 3.39 5.12 2.50
N ALA A 147 3.45 6.28 1.84
CA ALA A 147 3.30 7.56 2.54
C ALA A 147 1.94 7.65 3.22
N LYS A 148 0.88 7.33 2.49
CA LYS A 148 -0.44 7.27 3.10
C LYS A 148 -0.49 6.22 4.18
N LYS A 149 0.17 5.08 3.98
CA LYS A 149 0.17 4.02 5.00
C LYS A 149 0.83 4.49 6.29
N LEU A 150 1.85 5.34 6.20
CA LEU A 150 2.50 5.84 7.40
C LEU A 150 1.93 7.18 7.86
N GLY A 151 0.70 7.50 7.47
CA GLY A 151 -0.01 8.63 8.05
C GLY A 151 0.39 9.99 7.52
N MET A 152 1.19 10.05 6.47
CA MET A 152 1.53 11.32 5.85
C MET A 152 0.34 11.89 5.09
N SER A 153 0.16 13.20 5.19
CA SER A 153 -0.98 13.87 4.58
C SER A 153 -0.88 13.88 3.06
N SER A 154 -2.00 14.19 2.42
CA SER A 154 -2.06 14.26 0.96
C SER A 154 -1.30 15.45 0.41
N LYS A 155 -0.69 16.28 1.27
CA LYS A 155 0.23 17.30 0.78
C LYS A 155 1.58 16.70 0.38
N THR A 156 1.85 15.47 0.79
CA THR A 156 3.09 14.80 0.40
C THR A 156 2.93 14.14 -0.96
N THR A 157 3.91 14.38 -1.84
CA THR A 157 3.95 13.68 -3.13
C THR A 157 5.39 13.32 -3.42
N PHE A 158 5.64 12.03 -3.59
CA PHE A 158 6.93 11.56 -4.08
C PHE A 158 6.83 11.39 -5.59
N VAL A 159 7.94 11.66 -6.28
CA VAL A 159 7.99 11.50 -7.73
C VAL A 159 9.07 10.52 -8.18
N SER A 160 10.06 10.23 -7.34
CA SER A 160 11.18 9.38 -7.74
C SER A 160 11.91 8.90 -6.50
N ALA A 161 12.67 7.81 -6.68
CA ALA A 161 13.41 7.21 -5.58
C ALA A 161 14.49 8.12 -5.04
N SER A 162 15.05 8.98 -5.89
CA SER A 162 16.12 9.89 -5.51
C SER A 162 15.61 11.26 -5.07
N GLY A 163 14.41 11.64 -5.50
CA GLY A 163 13.93 12.99 -5.34
C GLY A 163 14.27 13.92 -6.48
N LEU A 164 14.96 13.42 -7.51
CA LEU A 164 15.11 14.20 -8.74
C LEU A 164 13.75 14.39 -9.40
N ASP A 165 13.55 15.57 -9.99
CA ASP A 165 12.32 15.87 -10.70
C ASP A 165 12.06 14.83 -11.80
N VAL A 166 10.78 14.59 -12.09
CA VAL A 166 10.38 13.67 -13.13
C VAL A 166 9.27 14.31 -13.94
N ASP A 167 9.49 14.46 -15.24
CA ASP A 167 8.53 15.13 -16.13
C ASP A 167 8.15 16.50 -15.58
N GLY A 168 9.12 17.20 -15.00
CA GLY A 168 8.92 18.53 -14.47
C GLY A 168 8.24 18.59 -13.10
N LYS A 169 7.85 17.46 -12.54
CA LYS A 169 7.18 17.45 -11.24
C LYS A 169 8.19 17.22 -10.12
N SER A 170 7.91 17.80 -8.97
CA SER A 170 8.84 17.77 -7.84
C SER A 170 8.24 17.04 -6.66
N ALA A 171 9.10 16.38 -5.89
CA ALA A 171 8.69 15.80 -4.62
C ALA A 171 8.46 16.91 -3.60
N VAL A 172 7.32 16.86 -2.92
CA VAL A 172 6.91 17.91 -1.99
C VAL A 172 6.39 17.26 -0.72
N SER A 173 6.49 17.99 0.38
CA SER A 173 5.98 17.54 1.67
C SER A 173 5.93 18.74 2.61
N THR A 174 5.66 18.48 3.88
CA THR A 174 5.65 19.48 4.94
C THR A 174 6.56 18.99 6.05
N THR A 175 6.92 19.87 6.99
CA THR A 175 7.74 19.38 8.09
C THR A 175 6.98 18.35 8.93
N LYS A 176 5.68 18.58 9.13
CA LYS A 176 4.88 17.61 9.90
C LYS A 176 4.90 16.24 9.24
N ASP A 177 4.72 16.19 7.93
CA ASP A 177 4.72 14.91 7.22
C ASP A 177 6.11 14.27 7.24
N LEU A 178 7.15 15.09 7.11
CA LEU A 178 8.51 14.55 7.16
C LEU A 178 8.82 13.98 8.55
N PHE A 179 8.33 14.63 9.60
CA PHE A 179 8.51 14.08 10.95
C PHE A 179 7.89 12.70 11.05
N LEU A 180 6.68 12.52 10.49
CA LEU A 180 6.00 11.24 10.62
C LEU A 180 6.73 10.17 9.84
N LEU A 181 7.21 10.50 8.64
CA LEU A 181 8.03 9.56 7.87
C LEU A 181 9.25 9.13 8.67
N SER A 182 10.00 10.10 9.17
CA SER A 182 11.27 9.79 9.85
C SER A 182 11.05 8.99 11.12
N SER A 183 10.11 9.44 11.96
CA SER A 183 9.77 8.70 13.17
C SER A 183 9.36 7.27 12.86
N LYS A 184 8.50 7.08 11.86
CA LYS A 184 8.11 5.72 11.50
C LYS A 184 9.30 4.92 11.00
N LEU A 185 10.17 5.54 10.19
CA LEU A 185 11.36 4.85 9.70
C LEU A 185 12.23 4.38 10.86
N ILE A 186 12.49 5.26 11.84
CA ILE A 186 13.38 4.93 12.95
C ILE A 186 12.75 3.88 13.87
N SER A 187 11.45 3.96 14.11
CA SER A 187 10.85 2.99 15.03
C SER A 187 10.69 1.63 14.35
N THR A 188 10.34 1.64 13.07
CA THR A 188 10.15 0.39 12.34
C THR A 188 11.48 -0.25 11.99
N HIS A 189 12.48 0.54 11.64
CA HIS A 189 13.79 0.03 11.22
C HIS A 189 14.88 0.78 11.96
N PRO A 190 15.06 0.55 13.26
CA PRO A 190 16.06 1.33 14.00
C PRO A 190 17.47 1.19 13.45
N GLU A 191 17.75 0.10 12.72
CA GLU A 191 19.09 -0.11 12.18
C GLU A 191 19.45 0.91 11.12
N VAL A 192 18.48 1.69 10.60
CA VAL A 192 18.83 2.78 9.68
C VAL A 192 19.87 3.69 10.31
N LEU A 193 19.80 3.87 11.63
CA LEU A 193 20.71 4.78 12.32
C LEU A 193 22.13 4.21 12.41
N GLU A 194 22.27 2.89 12.35
CA GLU A 194 23.59 2.29 12.26
C GLU A 194 24.34 2.84 11.06
N THR A 195 23.62 3.09 9.96
CA THR A 195 24.25 3.65 8.77
C THR A 195 24.32 5.18 8.84
N THR A 196 23.21 5.85 9.17
CA THR A 196 23.21 7.32 9.13
C THR A 196 24.11 7.94 10.19
N SER A 197 24.45 7.22 11.27
CA SER A 197 25.34 7.72 12.29
C SER A 197 26.83 7.70 11.91
N LYS A 198 27.18 7.11 10.77
CA LYS A 198 28.60 6.92 10.44
C LYS A 198 29.09 8.09 9.58
N PRO A 199 30.14 8.80 9.98
CA PRO A 199 30.67 9.85 9.09
C PRO A 199 31.28 9.30 7.81
N THR A 200 31.74 8.04 7.83
CA THR A 200 32.25 7.35 6.65
C THR A 200 31.77 5.91 6.72
N VAL A 201 31.14 5.43 5.67
CA VAL A 201 30.80 4.01 5.54
C VAL A 201 31.81 3.41 4.58
N THR A 202 32.53 2.38 5.02
CA THR A 202 33.51 1.70 4.19
C THR A 202 32.92 0.37 3.71
N THR A 203 32.83 0.18 2.40
CA THR A 203 32.26 -1.05 1.89
C THR A 203 33.21 -2.23 2.12
N ASP A 204 32.67 -3.44 1.95
CA ASP A 204 33.46 -4.66 2.16
C ASP A 204 34.72 -4.64 1.33
N LYS A 205 34.65 -4.09 0.11
CA LYS A 205 35.79 -4.10 -0.80
C LYS A 205 36.61 -2.82 -0.73
N GLY A 206 36.40 -1.98 0.29
CA GLY A 206 37.28 -0.87 0.57
C GLY A 206 36.83 0.50 0.10
N ALA A 207 35.68 0.60 -0.56
CA ALA A 207 35.22 1.91 -1.01
C ALA A 207 34.71 2.72 0.18
N LYS A 208 35.19 3.95 0.32
CA LYS A 208 34.83 4.80 1.45
C LYS A 208 33.78 5.82 1.02
N LEU A 209 32.59 5.71 1.58
CA LEU A 209 31.48 6.60 1.25
C LEU A 209 31.36 7.66 2.34
N GLU A 210 31.59 8.92 1.98
CA GLU A 210 31.64 10.02 2.94
C GLU A 210 30.24 10.59 3.17
N SER A 211 29.88 10.75 4.44
CA SER A 211 28.54 11.23 4.77
C SER A 211 28.46 12.74 4.53
N THR A 212 27.28 13.18 4.06
CA THR A 212 26.98 14.61 3.91
C THR A 212 26.58 15.26 5.22
N ASN A 213 26.36 14.48 6.28
CA ASN A 213 25.92 15.00 7.57
C ASN A 213 27.14 15.47 8.34
N ASP A 214 27.45 16.76 8.25
CA ASP A 214 28.61 17.33 8.91
C ASP A 214 28.42 17.49 10.42
N LEU A 215 27.20 17.37 10.93
CA LEU A 215 26.99 17.48 12.37
C LEU A 215 27.33 16.21 13.14
N LEU A 216 27.59 15.10 12.46
CA LEU A 216 27.98 13.88 13.17
C LEU A 216 29.26 14.12 13.94
N GLY A 217 29.27 13.71 15.21
CA GLY A 217 30.42 13.98 16.07
C GLY A 217 30.51 15.38 16.62
N SER A 218 29.57 16.27 16.27
CA SER A 218 29.54 17.64 16.77
C SER A 218 28.49 17.84 17.85
N ILE A 219 27.25 17.41 17.59
CA ILE A 219 26.16 17.44 18.57
C ILE A 219 26.04 16.07 19.22
N GLN A 220 26.05 16.04 20.54
CA GLN A 220 26.03 14.77 21.25
C GLN A 220 24.68 14.07 21.08
N GLY A 221 24.73 12.77 20.76
CA GLY A 221 23.54 11.96 20.57
C GLY A 221 23.00 11.97 19.15
N LEU A 222 23.53 12.82 18.28
CA LEU A 222 23.00 12.94 16.93
C LEU A 222 23.47 11.78 16.07
N ASP A 223 22.52 11.12 15.40
CA ASP A 223 22.85 9.90 14.66
C ASP A 223 22.11 9.82 13.33
N GLY A 224 21.53 10.93 12.89
CA GLY A 224 20.87 10.98 11.60
C GLY A 224 20.56 12.41 11.24
N LEU A 225 19.86 12.61 10.13
CA LEU A 225 19.29 11.52 9.33
C LEU A 225 19.60 11.64 7.82
N LYS A 226 19.42 12.84 7.23
CA LYS A 226 19.52 12.99 5.77
C LYS A 226 19.54 14.43 5.28
N THR A 227 20.48 14.76 4.39
CA THR A 227 20.57 16.08 3.78
C THR A 227 19.86 16.12 2.43
N GLY A 228 19.59 17.34 1.96
CA GLY A 228 19.12 17.53 0.59
C GLY A 228 19.45 18.93 0.12
N PHE A 229 19.51 19.09 -1.20
CA PHE A 229 19.69 20.42 -1.80
C PHE A 229 19.31 20.41 -3.27
N THR A 230 18.43 21.31 -3.67
CA THR A 230 18.31 21.78 -5.04
C THR A 230 18.21 23.29 -4.99
N ASP A 231 18.33 23.93 -6.15
CA ASP A 231 18.09 25.36 -6.21
C ASP A 231 16.70 25.70 -5.65
N GLU A 232 15.71 24.87 -5.95
CA GLU A 232 14.33 25.17 -5.55
C GLU A 232 14.05 24.83 -4.10
N ALA A 233 14.59 23.70 -3.62
CA ALA A 233 14.37 23.29 -2.23
C ALA A 233 15.29 23.99 -1.25
N GLY A 234 16.32 24.68 -1.74
CA GLY A 234 17.38 25.15 -0.86
C GLY A 234 18.07 24.02 -0.12
N TYR A 235 18.80 24.41 0.91
CA TYR A 235 19.60 23.49 1.71
C TYR A 235 18.76 22.91 2.85
N CYS A 236 18.57 21.61 2.83
CA CYS A 236 17.67 20.93 3.75
C CYS A 236 18.39 19.86 4.55
N PHE A 237 17.82 19.51 5.69
CA PHE A 237 18.38 18.46 6.53
C PHE A 237 17.37 17.99 7.57
N ILE A 238 17.22 16.68 7.69
CA ILE A 238 16.43 16.07 8.75
C ILE A 238 17.43 15.50 9.75
N GLY A 239 17.39 16.00 10.97
CA GLY A 239 18.30 15.52 12.00
C GLY A 239 17.59 14.68 13.03
N THR A 240 18.31 13.83 13.74
CA THR A 240 17.73 13.11 14.88
C THR A 240 18.84 12.83 15.87
N ALA A 241 18.51 12.97 17.15
CA ALA A 241 19.45 12.75 18.23
C ALA A 241 18.70 12.14 19.40
N GLU A 242 19.43 11.44 20.26
CA GLU A 242 18.82 10.86 21.44
C GLU A 242 19.74 11.05 22.64
N ARG A 243 19.16 11.43 23.78
CA ARG A 243 19.88 11.57 25.03
C ARG A 243 19.01 11.02 26.15
N GLY A 244 19.55 10.06 26.91
CA GLY A 244 18.87 9.52 28.07
C GLY A 244 17.43 9.09 27.83
N GLY A 245 17.19 8.35 26.75
CA GLY A 245 15.87 7.84 26.45
C GLY A 245 15.00 8.74 25.61
N LYS A 246 15.40 9.99 25.42
CA LYS A 246 14.58 10.99 24.75
C LYS A 246 15.17 11.26 23.36
N ARG A 247 14.38 10.99 22.32
CA ARG A 247 14.79 11.23 20.95
C ARG A 247 13.99 12.40 20.39
N VAL A 248 14.67 13.26 19.61
CA VAL A 248 14.00 14.33 18.90
C VAL A 248 14.32 14.22 17.41
N ILE A 249 13.41 14.72 16.58
CA ILE A 249 13.62 14.80 15.14
C ILE A 249 13.46 16.25 14.70
N SER A 250 14.48 16.78 14.02
CA SER A 250 14.44 18.14 13.52
C SER A 250 14.33 18.15 12.00
N ILE A 251 13.56 19.10 11.47
CA ILE A 251 13.38 19.28 10.03
C ILE A 251 13.79 20.70 9.69
N VAL A 252 14.67 20.83 8.69
CA VAL A 252 15.14 22.12 8.18
C VAL A 252 14.94 22.11 6.68
N LEU A 253 14.17 23.06 6.16
CA LEU A 253 13.88 23.16 4.74
C LEU A 253 14.19 24.56 4.23
N ASP A 254 14.97 24.65 3.15
CA ASP A 254 15.23 25.90 2.41
C ASP A 254 16.09 26.89 3.22
N ALA A 255 17.12 26.37 3.87
CA ALA A 255 18.16 27.24 4.39
C ALA A 255 19.06 27.69 3.24
N GLY A 256 19.79 28.77 3.50
CA GLY A 256 20.44 29.52 2.44
C GLY A 256 21.83 29.06 2.04
N THR A 257 22.53 28.34 2.91
CA THR A 257 23.81 27.75 2.54
C THR A 257 23.90 26.34 3.08
N ALA A 258 24.93 25.63 2.62
CA ALA A 258 25.17 24.27 3.07
C ALA A 258 25.48 24.22 4.55
N GLU A 259 26.13 25.26 5.10
CA GLU A 259 26.40 25.33 6.53
C GLU A 259 25.17 25.74 7.33
N LYS A 260 24.33 26.63 6.76
CA LYS A 260 23.24 27.21 7.54
C LYS A 260 22.17 26.18 7.92
N ARG A 261 21.94 25.16 7.09
CA ARG A 261 20.98 24.12 7.49
C ARG A 261 21.42 23.40 8.77
N PHE A 262 22.74 23.29 8.95
CA PHE A 262 23.31 22.74 10.16
C PHE A 262 23.28 23.74 11.31
N LYS A 263 23.51 25.02 11.04
CA LYS A 263 23.36 26.01 12.11
C LYS A 263 21.93 26.01 12.66
N ASP A 264 20.93 25.97 11.76
CA ASP A 264 19.54 25.87 12.18
C ASP A 264 19.29 24.61 13.00
N THR A 265 19.90 23.49 12.59
CA THR A 265 19.71 22.22 13.30
C THR A 265 20.26 22.30 14.73
N GLU A 266 21.41 22.97 14.90
CA GLU A 266 21.97 23.15 16.24
C GLU A 266 21.00 23.92 17.14
N LYS A 267 20.37 24.97 16.61
CA LYS A 267 19.39 25.72 17.39
C LYS A 267 18.20 24.83 17.75
N LEU A 268 17.67 24.11 16.76
CA LEU A 268 16.52 23.25 17.00
C LEU A 268 16.86 22.13 17.97
N MET A 269 18.08 21.58 17.87
CA MET A 269 18.48 20.51 18.78
C MET A 269 18.65 21.01 20.20
N GLU A 270 19.04 22.28 20.36
CA GLU A 270 19.07 22.89 21.70
C GLU A 270 17.67 23.03 22.28
N VAL A 271 16.71 23.44 21.45
CA VAL A 271 15.32 23.55 21.90
C VAL A 271 14.76 22.16 22.25
N GLY A 272 15.12 21.14 21.47
CA GLY A 272 14.57 19.82 21.68
C GLY A 272 14.96 19.19 23.00
N PHE A 273 16.17 19.48 23.49
CA PHE A 273 16.65 18.93 24.76
C PHE A 273 16.64 19.94 25.91
N LYS A 274 15.87 21.02 25.79
CA LYS A 274 15.83 21.99 26.88
C LYS A 274 15.12 21.37 28.09
N PRO B 29 22.73 -20.20 2.11
CA PRO B 29 21.64 -19.33 1.62
C PRO B 29 21.18 -18.33 2.68
N ASN B 30 21.88 -17.21 2.80
CA ASN B 30 21.60 -16.25 3.88
C ASN B 30 20.16 -15.75 3.79
N LEU B 31 19.50 -15.72 4.96
CA LEU B 31 18.14 -15.21 5.08
C LEU B 31 18.09 -13.74 5.42
N TYR B 32 19.23 -13.14 5.80
CA TYR B 32 19.30 -11.76 6.26
C TYR B 32 18.28 -11.51 7.37
N LEU B 33 18.48 -12.22 8.47
CA LEU B 33 17.60 -12.10 9.61
C LEU B 33 18.00 -10.92 10.50
N SER B 34 17.02 -10.35 11.18
CA SER B 34 17.31 -9.35 12.20
C SER B 34 17.99 -9.99 13.42
N ALA B 35 17.56 -11.20 13.78
CA ALA B 35 18.04 -11.87 14.98
C ALA B 35 19.55 -12.12 14.93
N ASN B 36 20.18 -12.06 16.10
CA ASN B 36 21.57 -12.46 16.26
C ASN B 36 21.72 -13.99 16.25
N ALA B 37 20.77 -14.72 16.82
CA ALA B 37 20.78 -16.17 16.80
C ALA B 37 19.42 -16.66 16.36
N ALA B 38 19.40 -17.68 15.51
CA ALA B 38 18.15 -18.13 14.91
C ALA B 38 18.36 -19.52 14.33
N ALA B 39 17.27 -20.27 14.22
CA ALA B 39 17.34 -21.63 13.69
C ALA B 39 15.93 -22.14 13.40
N VAL B 40 15.88 -23.21 12.61
CA VAL B 40 14.63 -23.94 12.39
C VAL B 40 14.97 -25.42 12.26
N TYR B 41 14.23 -26.26 12.98
CA TYR B 41 14.51 -27.68 13.04
C TYR B 41 13.27 -28.47 12.62
N SER B 42 13.51 -29.68 12.11
CA SER B 42 12.45 -30.64 11.86
C SER B 42 12.25 -31.47 13.11
N VAL B 43 11.01 -31.64 13.54
CA VAL B 43 10.75 -32.38 14.77
C VAL B 43 11.04 -33.88 14.56
N GLU B 44 10.75 -34.41 13.36
CA GLU B 44 10.76 -35.85 13.16
C GLU B 44 12.17 -36.43 13.36
N ASN B 45 13.21 -35.70 12.94
CA ASN B 45 14.57 -36.14 13.13
C ASN B 45 15.45 -35.15 13.89
N GLY B 46 14.90 -34.04 14.36
CA GLY B 46 15.72 -33.05 15.04
C GLY B 46 16.76 -32.39 14.18
N GLU B 47 16.70 -32.54 12.86
CA GLU B 47 17.76 -32.03 12.01
C GLU B 47 17.61 -30.54 11.81
N ALA B 48 18.73 -29.83 11.85
CA ALA B 48 18.70 -28.39 11.61
C ALA B 48 18.47 -28.11 10.13
N LEU B 49 17.49 -27.25 9.84
CA LEU B 49 17.24 -26.82 8.47
C LEU B 49 17.86 -25.46 8.17
N TYR B 50 18.07 -24.67 9.22
CA TYR B 50 18.82 -23.42 9.17
C TYR B 50 19.34 -23.17 10.58
N GLU B 51 20.60 -22.73 10.68
CA GLU B 51 21.22 -22.43 11.96
C GLU B 51 22.11 -21.20 11.85
N GLN B 52 21.93 -20.27 12.78
CA GLN B 52 22.75 -19.06 12.89
C GLN B 52 23.09 -18.88 14.37
N ASN B 53 24.38 -19.01 14.70
CA ASN B 53 24.84 -18.84 16.09
C ASN B 53 24.07 -19.77 17.04
N ALA B 54 23.87 -21.01 16.60
CA ALA B 54 23.03 -21.96 17.32
C ALA B 54 23.68 -22.45 18.61
N ASP B 55 24.98 -22.22 18.79
CA ASP B 55 25.69 -22.58 20.01
C ASP B 55 25.95 -21.38 20.91
N LYS B 56 25.54 -20.19 20.51
CA LYS B 56 25.79 -18.99 21.28
C LYS B 56 24.85 -18.93 22.49
N VAL B 57 25.42 -18.66 23.67
CA VAL B 57 24.62 -18.45 24.87
C VAL B 57 23.90 -17.10 24.77
N MET B 58 22.56 -17.14 24.83
CA MET B 58 21.73 -15.95 24.66
C MET B 58 20.74 -15.80 25.81
N PRO B 59 20.56 -14.59 26.34
CA PRO B 59 19.46 -14.35 27.28
C PRO B 59 18.12 -14.68 26.64
N ILE B 60 17.26 -15.37 27.37
CA ILE B 60 15.99 -15.85 26.80
C ILE B 60 14.76 -15.27 27.48
N ALA B 61 14.90 -14.59 28.62
CA ALA B 61 13.78 -13.93 29.28
C ALA B 61 12.53 -14.78 29.30
N SER B 62 11.43 -14.24 28.74
CA SER B 62 10.11 -14.85 28.89
C SER B 62 9.98 -16.22 28.24
N LEU B 63 10.92 -16.63 27.38
CA LEU B 63 10.88 -18.00 26.88
C LEU B 63 11.02 -19.01 28.01
N SER B 64 11.58 -18.59 29.15
CA SER B 64 11.63 -19.44 30.33
C SER B 64 10.26 -19.99 30.70
N LYS B 65 9.18 -19.28 30.35
CA LYS B 65 7.84 -19.69 30.73
C LYS B 65 7.43 -21.01 30.08
N LEU B 66 8.15 -21.43 29.03
CA LEU B 66 7.88 -22.73 28.44
C LEU B 66 8.32 -23.87 29.37
N MET B 67 9.44 -23.68 30.08
CA MET B 67 9.81 -24.68 31.07
C MET B 67 8.81 -24.68 32.24
N THR B 68 8.38 -23.49 32.66
CA THR B 68 7.35 -23.41 33.69
C THR B 68 6.06 -24.10 33.24
N ALA B 69 5.67 -23.89 31.98
CA ALA B 69 4.49 -24.59 31.45
C ALA B 69 4.70 -26.10 31.47
N PHE B 70 5.88 -26.57 31.06
CA PHE B 70 6.17 -28.00 31.12
C PHE B 70 5.97 -28.53 32.53
N LEU B 71 6.48 -27.81 33.53
CA LEU B 71 6.43 -28.32 34.90
C LEU B 71 5.02 -28.29 35.45
N VAL B 72 4.21 -27.31 35.04
CA VAL B 72 2.80 -27.30 35.40
C VAL B 72 2.10 -28.54 34.87
N LEU B 73 2.28 -28.81 33.57
CA LEU B 73 1.62 -29.96 32.95
C LEU B 73 2.11 -31.27 33.55
N GLU B 74 3.41 -31.39 33.87
CA GLU B 74 3.91 -32.57 34.56
C GLU B 74 3.22 -32.77 35.90
N ALA B 75 3.08 -31.69 36.67
CA ALA B 75 2.48 -31.77 37.98
C ALA B 75 1.03 -32.21 37.90
N VAL B 76 0.29 -31.67 36.94
CA VAL B 76 -1.12 -32.06 36.79
C VAL B 76 -1.21 -33.54 36.48
N ASP B 77 -0.36 -34.02 35.55
CA ASP B 77 -0.35 -35.45 35.21
C ASP B 77 0.08 -36.31 36.39
N ASN B 78 0.91 -35.78 37.27
CA ASN B 78 1.45 -36.53 38.41
C ASN B 78 0.57 -36.44 39.64
N ASN B 79 -0.64 -35.89 39.52
CA ASN B 79 -1.58 -35.73 40.63
C ASN B 79 -1.03 -34.81 41.71
N GLU B 80 -0.24 -33.80 41.31
CA GLU B 80 0.33 -32.86 42.27
C GLU B 80 -0.18 -31.44 42.09
N LEU B 81 -1.10 -31.22 41.16
CA LEU B 81 -1.63 -29.89 40.88
C LEU B 81 -3.00 -30.06 40.26
N SER B 82 -3.93 -29.19 40.65
CA SER B 82 -5.29 -29.19 40.13
C SER B 82 -5.50 -28.00 39.20
N TRP B 83 -6.17 -28.22 38.06
CA TRP B 83 -6.46 -27.13 37.15
C TRP B 83 -7.34 -26.05 37.79
N ASP B 84 -8.18 -26.45 38.76
CA ASP B 84 -9.17 -25.57 39.36
C ASP B 84 -8.71 -24.94 40.66
N GLU B 85 -7.57 -25.36 41.20
CA GLU B 85 -6.98 -24.72 42.37
C GLU B 85 -6.95 -23.21 42.21
N LYS B 86 -7.40 -22.48 43.24
CA LYS B 86 -7.42 -21.01 43.22
C LYS B 86 -6.16 -20.48 43.91
N LEU B 87 -5.29 -19.81 43.16
CA LEU B 87 -4.09 -19.22 43.70
C LEU B 87 -4.20 -17.70 43.73
N ASP B 88 -3.55 -17.09 44.72
CA ASP B 88 -3.46 -15.64 44.80
C ASP B 88 -2.18 -15.19 44.13
N LEU B 89 -2.29 -14.24 43.20
CA LEU B 89 -1.15 -13.76 42.43
C LEU B 89 -0.08 -13.16 43.33
N VAL B 90 1.17 -13.61 43.15
CA VAL B 90 2.29 -12.97 43.82
C VAL B 90 2.48 -11.55 43.27
N ARG B 91 3.12 -10.70 44.07
CA ARG B 91 3.42 -9.34 43.66
C ARG B 91 4.83 -9.29 43.08
N LEU B 92 5.01 -8.42 42.07
CA LEU B 92 6.28 -8.38 41.32
C LEU B 92 7.20 -7.27 41.82
N SER B 96 7.19 -2.34 37.78
CA SER B 96 5.97 -2.86 37.15
C SER B 96 6.27 -3.38 35.74
N ALA B 97 5.72 -4.55 35.42
CA ALA B 97 5.88 -5.15 34.11
C ALA B 97 4.53 -5.56 33.54
N VAL B 98 4.53 -6.42 32.52
CA VAL B 98 3.31 -7.02 32.02
C VAL B 98 2.77 -7.94 33.10
N SER B 99 1.62 -7.59 33.69
CA SER B 99 1.10 -8.32 34.83
C SER B 99 -0.41 -8.54 34.69
N LEU B 100 -0.83 -9.76 35.02
CA LEU B 100 -2.26 -10.10 34.97
C LEU B 100 -3.06 -9.22 35.92
N TYR B 101 -2.49 -8.88 37.09
CA TYR B 101 -3.22 -8.10 38.07
C TYR B 101 -3.50 -6.69 37.56
N ALA B 102 -2.55 -6.09 36.85
CA ALA B 102 -2.71 -4.71 36.41
C ALA B 102 -3.88 -4.54 35.45
N ILE B 103 -4.15 -5.54 34.61
CA ILE B 103 -5.21 -5.41 33.60
C ILE B 103 -6.52 -6.03 34.03
N THR B 104 -6.60 -6.55 35.26
CA THR B 104 -7.84 -7.13 35.76
C THR B 104 -8.21 -6.58 37.13
N GLN B 105 -7.20 -6.20 37.93
CA GLN B 105 -7.36 -5.82 39.34
C GLN B 105 -8.01 -6.94 40.15
N LYS B 106 -7.72 -8.19 39.77
CA LYS B 106 -8.23 -9.37 40.47
C LYS B 106 -7.04 -10.22 40.90
N ARG B 107 -7.05 -10.62 42.16
CA ARG B 107 -5.90 -11.30 42.74
C ARG B 107 -5.96 -12.83 42.63
N THR B 108 -7.16 -13.41 42.61
CA THR B 108 -7.31 -14.86 42.72
C THR B 108 -7.70 -15.45 41.37
N TRP B 109 -6.91 -16.42 40.91
CA TRP B 109 -7.13 -17.08 39.62
C TRP B 109 -6.91 -18.58 39.76
N SER B 110 -7.66 -19.35 38.97
CA SER B 110 -7.41 -20.78 38.89
C SER B 110 -6.04 -21.07 38.28
N VAL B 111 -5.51 -22.26 38.56
CA VAL B 111 -4.25 -22.68 37.94
C VAL B 111 -4.37 -22.64 36.43
N ARG B 112 -5.50 -23.12 35.90
CA ARG B 112 -5.78 -23.06 34.46
C ARG B 112 -5.67 -21.64 33.94
N ASP B 113 -6.27 -20.67 34.63
CA ASP B 113 -6.24 -19.28 34.15
C ASP B 113 -4.84 -18.69 34.24
N LEU B 114 -4.11 -18.98 35.33
CA LEU B 114 -2.73 -18.54 35.44
C LEU B 114 -1.86 -19.11 34.33
N TYR B 115 -2.00 -20.41 34.07
CA TYR B 115 -1.28 -21.05 32.96
C TYR B 115 -1.63 -20.39 31.63
N SER B 116 -2.93 -20.16 31.38
CA SER B 116 -3.33 -19.50 30.14
C SER B 116 -2.69 -18.12 30.03
N ALA B 117 -2.74 -17.34 31.11
CA ALA B 117 -2.21 -15.99 31.06
C ALA B 117 -0.71 -15.99 30.81
N MET B 118 0.00 -16.94 31.43
CA MET B 118 1.44 -17.01 31.25
C MET B 118 1.79 -17.24 29.79
N LEU B 119 1.11 -18.20 29.14
CA LEU B 119 1.45 -18.54 27.76
C LEU B 119 0.94 -17.51 26.76
N THR B 120 -0.18 -16.85 27.05
CA THR B 120 -0.88 -16.04 26.04
C THR B 120 -0.44 -14.58 26.05
N MET B 121 -0.57 -13.91 27.19
CA MET B 121 -0.19 -12.50 27.32
C MET B 121 1.19 -12.33 27.93
N SER B 122 1.84 -13.43 28.33
CA SER B 122 3.15 -13.40 28.97
C SER B 122 3.09 -12.64 30.30
N ALA B 123 2.11 -12.98 31.13
CA ALA B 123 1.97 -12.33 32.42
C ALA B 123 3.05 -12.85 33.36
N ASN B 124 3.92 -11.94 33.81
CA ASN B 124 5.01 -12.30 34.70
C ASN B 124 4.48 -12.78 36.05
N ASP B 125 3.46 -12.11 36.58
CA ASP B 125 2.98 -12.49 37.90
C ASP B 125 2.34 -13.87 37.85
N ALA B 126 1.61 -14.19 36.77
CA ALA B 126 1.04 -15.53 36.63
C ALA B 126 2.13 -16.61 36.70
N ALA B 127 3.24 -16.40 35.97
CA ALA B 127 4.31 -17.41 35.92
C ALA B 127 4.96 -17.57 37.29
N GLU B 128 5.24 -16.45 37.97
CA GLU B 128 5.85 -16.53 39.29
C GLU B 128 4.92 -17.21 40.28
N THR B 129 3.61 -17.01 40.14
CA THR B 129 2.65 -17.62 41.06
C THR B 129 2.64 -19.12 40.88
N LEU B 130 2.69 -19.58 39.63
CA LEU B 130 2.73 -21.01 39.33
C LEU B 130 3.99 -21.65 39.87
N GLY B 131 5.15 -21.03 39.63
CA GLY B 131 6.40 -21.58 40.11
C GLY B 131 6.46 -21.64 41.63
N ASP B 132 5.97 -20.59 42.29
CA ASP B 132 5.90 -20.59 43.75
C ASP B 132 5.05 -21.73 44.26
N ARG B 133 3.90 -21.98 43.60
CA ARG B 133 3.00 -23.05 44.06
C ARG B 133 3.65 -24.42 43.91
N LEU B 134 4.47 -24.60 42.87
CA LEU B 134 5.05 -25.91 42.62
C LEU B 134 6.22 -26.18 43.56
N ASP B 135 7.11 -25.19 43.76
CA ASP B 135 8.31 -25.45 44.54
C ASP B 135 8.83 -24.23 45.30
N GLY B 136 8.00 -23.22 45.55
CA GLY B 136 8.41 -22.11 46.38
C GLY B 136 9.61 -21.39 45.79
N ALA B 137 10.52 -20.96 46.67
CA ALA B 137 11.74 -20.29 46.24
C ALA B 137 12.70 -21.22 45.50
N ASP B 138 12.50 -22.53 45.57
CA ASP B 138 13.40 -23.48 44.92
C ASP B 138 13.02 -23.80 43.48
N PHE B 139 11.91 -23.25 42.98
CA PHE B 139 11.48 -23.58 41.62
C PHE B 139 12.57 -23.40 40.55
N PRO B 140 13.40 -22.34 40.56
CA PRO B 140 14.49 -22.29 39.57
C PRO B 140 15.39 -23.51 39.57
N LYS B 141 15.69 -24.08 40.75
CA LYS B 141 16.49 -25.30 40.80
C LYS B 141 15.76 -26.47 40.16
N GLU B 142 14.43 -26.53 40.30
CA GLU B 142 13.64 -27.57 39.65
C GLU B 142 13.57 -27.35 38.15
N MET B 143 13.54 -26.10 37.71
CA MET B 143 13.60 -25.82 36.27
C MET B 143 14.90 -26.34 35.67
N ASN B 144 16.01 -26.15 36.38
CA ASN B 144 17.31 -26.58 35.87
C ASN B 144 17.47 -28.09 35.94
N ASN B 145 16.93 -28.72 36.98
CA ASN B 145 16.90 -30.18 37.05
C ASN B 145 16.13 -30.77 35.88
N GLN B 146 14.97 -30.18 35.56
CA GLN B 146 14.18 -30.63 34.43
C GLN B 146 14.92 -30.43 33.12
N ALA B 147 15.59 -29.27 32.97
CA ALA B 147 16.40 -29.04 31.78
C ALA B 147 17.36 -30.21 31.55
N LYS B 148 18.09 -30.61 32.59
CA LYS B 148 19.04 -31.70 32.47
C LYS B 148 18.34 -33.02 32.13
N LYS B 149 17.24 -33.33 32.82
CA LYS B 149 16.45 -34.51 32.49
C LYS B 149 15.98 -34.49 31.05
N LEU B 150 15.79 -33.29 30.49
CA LEU B 150 15.28 -33.10 29.14
C LEU B 150 16.38 -33.06 28.09
N GLY B 151 17.65 -33.16 28.48
CA GLY B 151 18.73 -33.25 27.53
C GLY B 151 19.33 -31.93 27.12
N MET B 152 18.95 -30.83 27.75
CA MET B 152 19.55 -29.54 27.44
C MET B 152 20.95 -29.46 28.02
N SER B 153 21.81 -28.70 27.35
CA SER B 153 23.22 -28.57 27.68
C SER B 153 23.41 -27.71 28.94
N SER B 154 24.65 -27.73 29.44
CA SER B 154 24.99 -26.88 30.58
C SER B 154 24.91 -25.39 30.24
N LYS B 155 24.87 -25.03 28.95
CA LYS B 155 24.75 -23.61 28.62
C LYS B 155 23.38 -23.04 28.95
N THR B 156 22.39 -23.89 29.25
CA THR B 156 21.08 -23.42 29.67
C THR B 156 21.08 -23.17 31.17
N THR B 157 20.62 -21.99 31.57
CA THR B 157 20.40 -21.70 32.99
C THR B 157 19.11 -20.90 33.15
N PHE B 158 18.18 -21.46 33.91
CA PHE B 158 16.96 -20.78 34.31
C PHE B 158 17.19 -20.12 35.66
N VAL B 159 16.56 -18.96 35.87
CA VAL B 159 16.70 -18.24 37.13
C VAL B 159 15.37 -17.98 37.82
N SER B 160 14.24 -18.10 37.11
CA SER B 160 12.94 -17.72 37.64
C SER B 160 11.88 -18.27 36.72
N ALA B 161 10.69 -18.51 37.30
CA ALA B 161 9.58 -19.06 36.51
C ALA B 161 9.20 -18.18 35.33
N SER B 162 9.32 -16.86 35.48
CA SER B 162 8.95 -15.90 34.45
C SER B 162 10.09 -15.59 33.49
N GLY B 163 11.33 -15.76 33.92
CA GLY B 163 12.48 -15.32 33.17
C GLY B 163 12.98 -13.94 33.54
N LEU B 164 12.34 -13.28 34.49
CA LEU B 164 12.90 -12.06 35.04
C LEU B 164 14.20 -12.39 35.77
N ASP B 165 15.13 -11.44 35.72
CA ASP B 165 16.39 -11.54 36.44
C ASP B 165 16.16 -11.81 37.92
N VAL B 166 17.06 -12.57 38.52
CA VAL B 166 17.05 -12.84 39.95
C VAL B 166 18.47 -12.68 40.46
N ASP B 167 18.66 -11.76 41.42
CA ASP B 167 19.98 -11.52 42.03
C ASP B 167 21.01 -11.13 40.98
N GLY B 168 20.58 -10.37 39.97
CA GLY B 168 21.46 -9.93 38.91
C GLY B 168 21.86 -10.99 37.92
N LYS B 169 21.23 -12.17 37.95
CA LYS B 169 21.53 -13.26 37.03
C LYS B 169 20.38 -13.43 36.04
N SER B 170 20.71 -13.79 34.80
CA SER B 170 19.75 -13.83 33.71
C SER B 170 19.54 -15.25 33.23
N ALA B 171 18.31 -15.53 32.78
CA ALA B 171 18.03 -16.77 32.08
C ALA B 171 18.70 -16.75 30.71
N VAL B 172 19.43 -17.82 30.37
CA VAL B 172 20.13 -17.92 29.09
C VAL B 172 19.97 -19.34 28.56
N SER B 173 20.12 -19.48 27.24
CA SER B 173 20.07 -20.78 26.57
C SER B 173 20.65 -20.62 25.17
N THR B 174 20.54 -21.69 24.35
CA THR B 174 20.96 -21.68 22.96
C THR B 174 19.77 -22.11 22.11
N THR B 175 19.87 -21.91 20.79
CA THR B 175 18.76 -22.35 19.93
C THR B 175 18.60 -23.86 19.96
N LYS B 176 19.72 -24.60 20.01
CA LYS B 176 19.64 -26.05 20.08
C LYS B 176 18.92 -26.50 21.34
N ASP B 177 19.28 -25.90 22.48
CA ASP B 177 18.64 -26.25 23.74
C ASP B 177 17.16 -25.85 23.76
N LEU B 178 16.83 -24.68 23.20
CA LEU B 178 15.43 -24.26 23.15
C LEU B 178 14.61 -25.17 22.25
N PHE B 179 15.23 -25.70 21.18
CA PHE B 179 14.54 -26.71 20.37
C PHE B 179 14.25 -27.96 21.19
N LEU B 180 15.24 -28.45 21.94
CA LEU B 180 15.04 -29.65 22.75
C LEU B 180 13.92 -29.44 23.77
N LEU B 181 13.91 -28.28 24.42
CA LEU B 181 12.81 -27.96 25.33
C LEU B 181 11.49 -27.95 24.59
N SER B 182 11.42 -27.20 23.48
CA SER B 182 10.15 -26.98 22.80
C SER B 182 9.59 -28.30 22.26
N SER B 183 10.44 -29.08 21.58
CA SER B 183 9.94 -30.34 21.01
C SER B 183 9.52 -31.30 22.10
N LYS B 184 10.23 -31.32 23.23
CA LYS B 184 9.87 -32.25 24.30
C LYS B 184 8.57 -31.82 24.97
N LEU B 185 8.38 -30.51 25.16
CA LEU B 185 7.11 -30.04 25.69
C LEU B 185 5.96 -30.43 24.76
N ILE B 186 6.15 -30.27 23.45
CA ILE B 186 5.05 -30.53 22.51
C ILE B 186 4.75 -32.03 22.41
N SER B 187 5.79 -32.87 22.38
CA SER B 187 5.55 -34.31 22.26
C SER B 187 4.98 -34.89 23.55
N THR B 188 5.41 -34.38 24.71
CA THR B 188 4.94 -34.86 26.01
C THR B 188 3.56 -34.33 26.35
N HIS B 189 3.31 -33.06 26.04
CA HIS B 189 2.08 -32.37 26.40
C HIS B 189 1.53 -31.67 25.17
N PRO B 190 1.04 -32.43 24.18
CA PRO B 190 0.56 -31.78 22.94
C PRO B 190 -0.59 -30.81 23.18
N GLU B 191 -1.39 -31.01 24.24
CA GLU B 191 -2.44 -30.07 24.59
C GLU B 191 -1.90 -28.65 24.80
N VAL B 192 -0.59 -28.49 24.97
CA VAL B 192 -0.02 -27.13 25.07
C VAL B 192 -0.46 -26.27 23.89
N LEU B 193 -0.52 -26.88 22.70
CA LEU B 193 -0.86 -26.15 21.48
C LEU B 193 -2.34 -25.78 21.43
N GLU B 194 -3.19 -26.41 22.24
CA GLU B 194 -4.58 -25.99 22.32
C GLU B 194 -4.71 -24.60 22.95
N THR B 195 -3.73 -24.21 23.77
CA THR B 195 -3.71 -22.85 24.31
C THR B 195 -2.92 -21.91 23.41
N THR B 196 -1.72 -22.33 22.97
CA THR B 196 -0.87 -21.40 22.24
C THR B 196 -1.36 -21.12 20.84
N SER B 197 -2.29 -21.91 20.31
CA SER B 197 -2.79 -21.66 18.98
C SER B 197 -3.90 -20.62 18.94
N LYS B 198 -4.37 -20.14 20.11
CA LYS B 198 -5.51 -19.25 20.12
C LYS B 198 -5.06 -17.79 20.16
N PRO B 199 -5.53 -16.95 19.25
CA PRO B 199 -5.21 -15.52 19.38
C PRO B 199 -5.95 -14.85 20.55
N THR B 200 -7.02 -15.46 21.06
CA THR B 200 -7.70 -14.98 22.26
C THR B 200 -8.21 -16.16 23.06
N VAL B 201 -7.83 -16.22 24.33
CA VAL B 201 -8.24 -17.27 25.25
C VAL B 201 -9.22 -16.64 26.24
N THR B 202 -10.37 -17.27 26.41
CA THR B 202 -11.36 -16.85 27.41
C THR B 202 -11.13 -17.66 28.68
N THR B 203 -10.72 -16.98 29.74
CA THR B 203 -10.39 -17.65 31.01
C THR B 203 -11.61 -18.31 31.63
N ASP B 204 -11.34 -19.20 32.59
CA ASP B 204 -12.39 -19.71 33.47
C ASP B 204 -13.16 -18.57 34.12
N LYS B 205 -12.42 -17.60 34.66
CA LYS B 205 -13.06 -16.49 35.37
C LYS B 205 -13.99 -15.72 34.44
N GLY B 206 -13.55 -15.48 33.19
CA GLY B 206 -14.39 -14.84 32.20
C GLY B 206 -13.67 -13.80 31.37
N ALA B 207 -12.60 -13.23 31.92
CA ALA B 207 -11.78 -12.26 31.18
C ALA B 207 -11.17 -12.91 29.95
N LYS B 208 -10.99 -12.12 28.90
CA LYS B 208 -10.39 -12.58 27.66
C LYS B 208 -8.95 -12.08 27.57
N LEU B 209 -8.03 -12.97 27.21
CA LEU B 209 -6.61 -12.65 27.14
C LEU B 209 -6.12 -12.77 25.70
N GLU B 210 -5.34 -11.78 25.26
CA GLU B 210 -4.89 -11.66 23.88
C GLU B 210 -3.46 -12.18 23.72
N SER B 211 -3.24 -12.97 22.67
CA SER B 211 -1.92 -13.54 22.43
C SER B 211 -0.95 -12.47 21.94
N THR B 212 0.30 -12.58 22.39
CA THR B 212 1.43 -11.86 21.82
C THR B 212 1.90 -12.45 20.48
N ASN B 213 1.42 -13.63 20.12
CA ASN B 213 1.80 -14.28 18.86
C ASN B 213 0.99 -13.68 17.71
N ASP B 214 1.56 -12.67 17.06
CA ASP B 214 0.89 -12.00 15.95
C ASP B 214 0.82 -12.86 14.69
N LEU B 215 1.58 -13.94 14.62
CA LEU B 215 1.64 -14.73 13.40
C LEU B 215 0.56 -15.79 13.30
N LEU B 216 -0.24 -16.01 14.34
CA LEU B 216 -1.33 -16.96 14.22
C LEU B 216 -2.26 -16.48 13.12
N GLY B 217 -2.67 -17.39 12.24
CA GLY B 217 -3.54 -17.04 11.15
C GLY B 217 -2.85 -16.57 9.87
N SER B 218 -1.59 -16.14 9.95
CA SER B 218 -0.88 -15.71 8.76
C SER B 218 0.13 -16.72 8.24
N ILE B 219 0.65 -17.62 9.09
CA ILE B 219 1.51 -18.71 8.64
C ILE B 219 0.70 -20.00 8.72
N GLN B 220 0.59 -20.69 7.59
CA GLN B 220 -0.17 -21.91 7.50
C GLN B 220 0.36 -22.96 8.46
N GLY B 221 -0.52 -23.46 9.33
CA GLY B 221 -0.16 -24.50 10.26
C GLY B 221 0.45 -24.01 11.55
N LEU B 222 0.78 -22.72 11.65
CA LEU B 222 1.41 -22.20 12.86
C LEU B 222 0.45 -22.31 14.05
N ASP B 223 0.93 -22.91 15.15
CA ASP B 223 0.08 -23.08 16.33
C ASP B 223 0.82 -22.79 17.65
N GLY B 224 1.95 -22.10 17.61
CA GLY B 224 2.74 -21.80 18.80
C GLY B 224 3.96 -21.00 18.39
N LEU B 225 4.83 -20.69 19.36
CA LEU B 225 4.76 -21.18 20.73
C LEU B 225 4.85 -20.07 21.81
N LYS B 226 5.84 -19.18 21.72
CA LYS B 226 6.08 -18.18 22.77
C LYS B 226 7.01 -17.04 22.36
N THR B 227 6.63 -15.81 22.71
CA THR B 227 7.39 -14.59 22.53
C THR B 227 8.21 -14.27 23.78
N GLY B 228 9.13 -13.32 23.63
CA GLY B 228 9.87 -12.76 24.74
C GLY B 228 10.51 -11.45 24.36
N PHE B 229 10.81 -10.63 25.38
CA PHE B 229 11.52 -9.39 25.12
C PHE B 229 12.11 -8.85 26.42
N THR B 230 13.40 -8.54 26.39
CA THR B 230 14.03 -7.60 27.31
C THR B 230 15.03 -6.79 26.50
N ASP B 231 15.56 -5.74 27.12
CA ASP B 231 16.59 -4.97 26.43
C ASP B 231 17.82 -5.82 26.15
N GLU B 232 18.11 -6.81 26.99
CA GLU B 232 19.28 -7.66 26.82
C GLU B 232 19.00 -8.82 25.86
N ALA B 233 17.81 -9.41 25.93
CA ALA B 233 17.46 -10.52 25.05
C ALA B 233 17.01 -10.07 23.66
N GLY B 234 16.75 -8.78 23.47
CA GLY B 234 16.13 -8.38 22.22
C GLY B 234 14.74 -8.98 22.08
N TYR B 235 14.23 -8.92 20.86
CA TYR B 235 12.90 -9.46 20.59
C TYR B 235 13.02 -10.92 20.14
N CYS B 236 12.30 -11.79 20.83
CA CYS B 236 12.46 -13.23 20.65
C CYS B 236 11.12 -13.89 20.38
N PHE B 237 11.17 -15.00 19.63
CA PHE B 237 9.97 -15.80 19.40
C PHE B 237 10.37 -17.24 19.09
N ILE B 238 9.71 -18.19 19.74
CA ILE B 238 9.78 -19.60 19.35
C ILE B 238 8.48 -19.92 18.62
N GLY B 239 8.57 -20.31 17.36
CA GLY B 239 7.40 -20.68 16.61
C GLY B 239 7.35 -22.18 16.35
N THR B 240 6.16 -22.71 16.09
CA THR B 240 6.03 -24.09 15.60
C THR B 240 4.81 -24.15 14.69
N ALA B 241 4.92 -24.97 13.65
CA ALA B 241 3.85 -25.16 12.69
C ALA B 241 3.84 -26.62 12.26
N GLU B 242 2.68 -27.11 11.83
CA GLU B 242 2.59 -28.48 11.33
C GLU B 242 1.77 -28.51 10.04
N ARG B 243 2.31 -29.18 9.01
CA ARG B 243 1.62 -29.35 7.74
C ARG B 243 1.83 -30.77 7.26
N GLY B 244 0.73 -31.51 7.09
CA GLY B 244 0.79 -32.83 6.47
C GLY B 244 1.61 -33.86 7.22
N GLY B 245 1.62 -33.79 8.55
CA GLY B 245 2.41 -34.68 9.36
C GLY B 245 3.79 -34.17 9.72
N LYS B 246 4.23 -33.09 9.08
CA LYS B 246 5.56 -32.55 9.30
C LYS B 246 5.46 -31.33 10.18
N ARG B 247 6.23 -31.30 11.26
CA ARG B 247 6.21 -30.20 12.20
C ARG B 247 7.63 -29.65 12.29
N VAL B 248 7.76 -28.33 12.26
CA VAL B 248 9.04 -27.69 12.47
C VAL B 248 8.91 -26.77 13.68
N ILE B 249 10.05 -26.43 14.27
CA ILE B 249 10.14 -25.48 15.37
C ILE B 249 11.21 -24.46 15.01
N SER B 250 10.84 -23.17 15.06
CA SER B 250 11.73 -22.05 14.78
C SER B 250 12.07 -21.33 16.07
N ILE B 251 13.32 -20.86 16.17
CA ILE B 251 13.81 -20.09 17.31
C ILE B 251 14.44 -18.80 16.77
N VAL B 252 14.00 -17.66 17.29
CA VAL B 252 14.52 -16.34 16.89
C VAL B 252 14.91 -15.61 18.18
N LEU B 253 16.19 -15.24 18.29
CA LEU B 253 16.73 -14.59 19.47
C LEU B 253 17.37 -13.25 19.11
N ASP B 254 17.02 -12.20 19.85
CA ASP B 254 17.61 -10.88 19.69
C ASP B 254 17.36 -10.30 18.29
N ALA B 255 16.10 -10.33 17.87
CA ALA B 255 15.71 -9.50 16.74
C ALA B 255 15.49 -8.05 17.20
N GLY B 256 15.54 -7.13 16.23
CA GLY B 256 15.64 -5.71 16.56
C GLY B 256 14.34 -4.99 16.88
N THR B 257 13.20 -5.50 16.42
CA THR B 257 11.90 -4.92 16.76
C THR B 257 10.92 -6.03 17.11
N ALA B 258 9.80 -5.61 17.72
CA ALA B 258 8.70 -6.53 17.97
C ALA B 258 8.18 -7.16 16.68
N GLU B 259 8.24 -6.44 15.55
CA GLU B 259 7.78 -7.03 14.31
C GLU B 259 8.84 -7.90 13.64
N LYS B 260 10.12 -7.53 13.78
CA LYS B 260 11.15 -8.26 13.06
C LYS B 260 11.32 -9.70 13.56
N ARG B 261 10.99 -9.98 14.84
CA ARG B 261 11.05 -11.38 15.28
C ARG B 261 10.08 -12.25 14.50
N PHE B 262 8.96 -11.67 14.05
CA PHE B 262 7.98 -12.42 13.26
C PHE B 262 8.37 -12.52 11.80
N LYS B 263 9.00 -11.45 11.25
CA LYS B 263 9.55 -11.49 9.90
C LYS B 263 10.61 -12.57 9.79
N ASP B 264 11.51 -12.63 10.78
CA ASP B 264 12.51 -13.69 10.82
C ASP B 264 11.85 -15.07 10.85
N THR B 265 10.75 -15.19 11.59
CA THR B 265 10.07 -16.47 11.70
C THR B 265 9.41 -16.86 10.39
N GLU B 266 8.85 -15.88 9.67
CA GLU B 266 8.27 -16.18 8.36
C GLU B 266 9.32 -16.78 7.45
N LYS B 267 10.51 -16.16 7.42
CA LYS B 267 11.61 -16.66 6.59
C LYS B 267 12.01 -18.08 6.97
N LEU B 268 12.11 -18.37 8.28
CA LEU B 268 12.54 -19.68 8.75
C LEU B 268 11.47 -20.75 8.53
N MET B 269 10.19 -20.38 8.63
CA MET B 269 9.13 -21.33 8.34
C MET B 269 9.12 -21.68 6.86
N GLU B 270 9.43 -20.70 6.01
CA GLU B 270 9.53 -20.98 4.58
C GLU B 270 10.68 -21.96 4.30
N VAL B 271 11.81 -21.78 4.98
CA VAL B 271 12.92 -22.74 4.87
C VAL B 271 12.52 -24.08 5.46
N GLY B 272 11.79 -24.07 6.57
CA GLY B 272 11.39 -25.31 7.22
C GLY B 272 10.55 -26.21 6.33
N PHE B 273 9.66 -25.63 5.54
CA PHE B 273 8.75 -26.41 4.71
C PHE B 273 9.13 -26.41 3.24
N LYS B 274 10.37 -26.06 2.92
CA LYS B 274 10.86 -26.13 1.55
C LYS B 274 10.87 -27.58 1.07
N GLN C 28 -3.32 -16.32 -27.51
CA GLN C 28 -4.27 -15.58 -26.68
C GLN C 28 -4.56 -14.21 -27.31
N PRO C 29 -5.76 -13.66 -27.05
CA PRO C 29 -6.17 -12.42 -27.71
C PRO C 29 -5.35 -11.22 -27.26
N ASN C 30 -5.44 -10.16 -28.06
CA ASN C 30 -4.70 -8.92 -27.84
C ASN C 30 -5.68 -7.88 -27.30
N LEU C 31 -5.88 -7.87 -25.99
CA LEU C 31 -6.81 -6.97 -25.33
C LEU C 31 -6.05 -5.79 -24.73
N TYR C 32 -6.66 -4.62 -24.83
CA TYR C 32 -6.15 -3.40 -24.20
C TYR C 32 -7.04 -3.14 -22.99
N LEU C 33 -6.62 -3.66 -21.85
CA LEU C 33 -7.42 -3.55 -20.64
C LEU C 33 -6.90 -2.41 -19.77
N SER C 34 -7.80 -1.89 -18.94
CA SER C 34 -7.38 -0.93 -17.93
C SER C 34 -6.65 -1.63 -16.79
N ALA C 35 -7.06 -2.86 -16.47
CA ALA C 35 -6.56 -3.58 -15.31
C ALA C 35 -5.05 -3.80 -15.40
N ASN C 36 -4.40 -3.76 -14.25
CA ASN C 36 -3.01 -4.17 -14.18
C ASN C 36 -2.88 -5.68 -14.35
N ALA C 37 -3.73 -6.45 -13.72
CA ALA C 37 -3.74 -7.90 -13.84
C ALA C 37 -5.16 -8.36 -14.15
N ALA C 38 -5.28 -9.34 -15.04
CA ALA C 38 -6.59 -9.78 -15.49
C ALA C 38 -6.47 -11.12 -16.17
N ALA C 39 -7.57 -11.88 -16.14
CA ALA C 39 -7.59 -13.20 -16.76
C ALA C 39 -9.04 -13.67 -16.89
N VAL C 40 -9.24 -14.64 -17.79
CA VAL C 40 -10.51 -15.34 -17.94
C VAL C 40 -10.22 -16.82 -18.15
N TYR C 41 -10.99 -17.67 -17.47
CA TYR C 41 -10.75 -19.10 -17.43
C TYR C 41 -12.04 -19.85 -17.72
N SER C 42 -11.90 -21.04 -18.30
CA SER C 42 -13.02 -21.96 -18.46
C SER C 42 -13.08 -22.83 -17.22
N VAL C 43 -14.27 -22.97 -16.64
CA VAL C 43 -14.43 -23.78 -15.44
C VAL C 43 -14.17 -25.26 -15.74
N GLU C 44 -14.61 -25.71 -16.92
CA GLU C 44 -14.61 -27.15 -17.23
C GLU C 44 -13.22 -27.75 -17.11
N ASN C 45 -12.23 -27.12 -17.72
CA ASN C 45 -10.85 -27.62 -17.65
C ASN C 45 -9.93 -26.72 -16.86
N GLY C 46 -10.42 -25.59 -16.36
CA GLY C 46 -9.58 -24.67 -15.60
C GLY C 46 -8.55 -23.93 -16.42
N GLU C 47 -8.63 -24.00 -17.75
CA GLU C 47 -7.57 -23.47 -18.59
C GLU C 47 -7.78 -21.99 -18.86
N ALA C 48 -6.67 -21.27 -18.96
CA ALA C 48 -6.73 -19.84 -19.21
C ALA C 48 -7.12 -19.56 -20.67
N LEU C 49 -7.98 -18.56 -20.88
CA LEU C 49 -8.26 -18.09 -22.23
C LEU C 49 -7.67 -16.73 -22.50
N TYR C 50 -7.39 -15.96 -21.45
CA TYR C 50 -6.53 -14.80 -21.55
C TYR C 50 -5.87 -14.66 -20.18
N GLU C 51 -4.62 -14.22 -20.17
CA GLU C 51 -3.92 -13.99 -18.91
C GLU C 51 -2.96 -12.82 -19.06
N GLN C 52 -2.99 -11.92 -18.07
CA GLN C 52 -2.10 -10.76 -18.02
C GLN C 52 -1.69 -10.57 -16.56
N ASN C 53 -0.39 -10.70 -16.29
CA ASN C 53 0.13 -10.65 -14.90
C ASN C 53 -0.64 -11.59 -13.97
N ALA C 54 -0.93 -12.81 -14.46
CA ALA C 54 -1.78 -13.74 -13.72
C ALA C 54 -1.12 -14.31 -12.47
N ASP C 55 0.21 -14.21 -12.37
CA ASP C 55 0.96 -14.67 -11.21
C ASP C 55 1.34 -13.54 -10.27
N LYS C 56 0.98 -12.31 -10.58
CA LYS C 56 1.46 -11.17 -9.82
C LYS C 56 0.65 -11.01 -8.55
N VAL C 57 1.35 -10.83 -7.42
CA VAL C 57 0.68 -10.57 -6.16
C VAL C 57 0.05 -9.18 -6.18
N MET C 58 -1.26 -9.12 -5.90
CA MET C 58 -2.07 -7.94 -5.99
C MET C 58 -2.93 -7.82 -4.74
N PRO C 59 -3.18 -6.60 -4.26
CA PRO C 59 -4.19 -6.43 -3.21
C PRO C 59 -5.59 -6.72 -3.73
N ILE C 60 -6.41 -7.39 -2.92
CA ILE C 60 -7.73 -7.83 -3.36
C ILE C 60 -8.88 -7.19 -2.59
N ALA C 61 -8.65 -6.58 -1.44
CA ALA C 61 -9.68 -5.82 -0.70
C ALA C 61 -10.97 -6.63 -0.60
N SER C 62 -12.12 -6.11 -1.01
CA SER C 62 -13.43 -6.72 -0.74
C SER C 62 -13.64 -8.05 -1.43
N LEU C 63 -12.80 -8.42 -2.41
CA LEU C 63 -12.92 -9.75 -2.97
C LEU C 63 -12.70 -10.81 -1.90
N SER C 64 -12.06 -10.45 -0.78
CA SER C 64 -11.97 -11.36 0.36
C SER C 64 -13.33 -11.88 0.78
N LYS C 65 -14.38 -11.06 0.61
CA LYS C 65 -15.72 -11.45 1.05
C LYS C 65 -16.21 -12.73 0.38
N LEU C 66 -15.60 -13.11 -0.76
CA LEU C 66 -15.93 -14.39 -1.36
C LEU C 66 -15.48 -15.57 -0.49
N MET C 67 -14.37 -15.43 0.22
CA MET C 67 -13.97 -16.47 1.16
C MET C 67 -14.85 -16.46 2.42
N THR C 68 -15.24 -15.28 2.89
CA THR C 68 -16.16 -15.22 4.03
C THR C 68 -17.51 -15.85 3.69
N ALA C 69 -18.01 -15.62 2.48
CA ALA C 69 -19.24 -16.27 2.06
C ALA C 69 -19.05 -17.78 2.02
N PHE C 70 -17.91 -18.25 1.51
CA PHE C 70 -17.63 -19.68 1.45
C PHE C 70 -17.73 -20.31 2.84
N LEU C 71 -17.13 -19.67 3.85
CA LEU C 71 -17.11 -20.25 5.19
C LEU C 71 -18.47 -20.12 5.88
N VAL C 72 -19.24 -19.08 5.56
CA VAL C 72 -20.62 -19.01 6.05
C VAL C 72 -21.42 -20.22 5.56
N LEU C 73 -21.33 -20.50 4.26
CA LEU C 73 -22.08 -21.63 3.68
C LEU C 73 -21.56 -22.96 4.22
N GLU C 74 -20.24 -23.06 4.40
CA GLU C 74 -19.67 -24.26 5.01
C GLU C 74 -20.24 -24.49 6.40
N ALA C 75 -20.40 -23.41 7.18
CA ALA C 75 -20.87 -23.55 8.56
C ALA C 75 -22.34 -23.94 8.61
N VAL C 76 -23.17 -23.34 7.75
CA VAL C 76 -24.58 -23.77 7.70
C VAL C 76 -24.66 -25.24 7.35
N ASP C 77 -23.88 -25.68 6.35
CA ASP C 77 -23.92 -27.09 5.95
C ASP C 77 -23.41 -28.01 7.06
N ASN C 78 -22.50 -27.52 7.88
CA ASN C 78 -21.95 -28.32 8.97
C ASN C 78 -22.81 -28.24 10.24
N ASN C 79 -23.98 -27.63 10.17
CA ASN C 79 -24.88 -27.53 11.31
C ASN C 79 -24.30 -26.64 12.41
N GLU C 80 -23.48 -25.65 12.05
CA GLU C 80 -22.83 -24.80 13.06
C GLU C 80 -23.36 -23.37 13.02
N LEU C 81 -24.31 -23.09 12.14
CA LEU C 81 -24.75 -21.72 11.89
C LEU C 81 -26.15 -21.77 11.33
N SER C 82 -27.00 -20.88 11.84
CA SER C 82 -28.40 -20.79 11.44
C SER C 82 -28.58 -19.57 10.56
N TRP C 83 -29.30 -19.74 9.44
CA TRP C 83 -29.58 -18.60 8.57
C TRP C 83 -30.38 -17.53 9.30
N ASP C 84 -31.18 -17.93 10.29
CA ASP C 84 -32.07 -17.02 10.99
C ASP C 84 -31.51 -16.46 12.29
N GLU C 85 -30.31 -16.88 12.72
CA GLU C 85 -29.74 -16.33 13.95
C GLU C 85 -29.51 -14.82 13.80
N LYS C 86 -29.89 -14.06 14.84
CA LYS C 86 -29.72 -12.60 14.84
C LYS C 86 -28.36 -12.20 15.41
N LEU C 87 -27.67 -11.27 14.72
CA LEU C 87 -26.36 -10.75 15.13
C LEU C 87 -26.38 -9.24 15.13
N ASP C 88 -25.61 -8.65 16.04
CA ASP C 88 -25.41 -7.20 16.05
C ASP C 88 -24.23 -6.84 15.16
N LEU C 89 -24.46 -5.89 14.24
CA LEU C 89 -23.37 -5.36 13.44
C LEU C 89 -22.27 -4.81 14.33
N VAL C 90 -21.03 -5.26 14.10
CA VAL C 90 -19.90 -4.66 14.78
C VAL C 90 -19.68 -3.23 14.26
N ARG C 91 -18.99 -2.42 15.06
CA ARG C 91 -18.73 -1.04 14.68
C ARG C 91 -17.38 -0.96 13.98
N LEU C 92 -17.36 -0.30 12.83
CA LEU C 92 -16.13 -0.13 12.06
C LEU C 92 -15.37 1.11 12.50
N ASP C 93 -14.05 1.05 12.40
CA ASP C 93 -13.21 2.20 12.73
C ASP C 93 -13.50 3.35 11.78
N ALA C 97 -16.01 3.61 5.54
CA ALA C 97 -16.29 2.33 4.90
C ALA C 97 -17.78 2.18 4.59
N VAL C 98 -18.10 1.48 3.50
CA VAL C 98 -19.49 1.21 3.15
C VAL C 98 -20.07 0.22 4.15
N SER C 99 -21.24 0.54 4.70
CA SER C 99 -21.73 -0.18 5.88
C SER C 99 -23.25 -0.30 5.89
N LEU C 100 -23.74 -1.46 6.33
CA LEU C 100 -25.16 -1.69 6.38
C LEU C 100 -25.84 -0.84 7.46
N TYR C 101 -25.15 -0.60 8.57
CA TYR C 101 -25.75 0.20 9.64
C TYR C 101 -25.97 1.64 9.18
N ALA C 102 -25.04 2.19 8.40
CA ALA C 102 -25.15 3.59 8.03
C ALA C 102 -26.39 3.85 7.18
N ILE C 103 -26.71 2.94 6.24
CA ILE C 103 -27.81 3.22 5.33
C ILE C 103 -29.16 2.72 5.83
N THR C 104 -29.19 1.94 6.91
CA THR C 104 -30.44 1.46 7.49
C THR C 104 -30.69 1.93 8.90
N GLN C 105 -29.64 2.23 9.68
CA GLN C 105 -29.77 2.61 11.09
C GLN C 105 -30.37 1.47 11.91
N LYS C 106 -30.14 0.23 11.48
CA LYS C 106 -30.57 -0.97 12.18
C LYS C 106 -29.33 -1.73 12.63
N ARG C 107 -29.29 -2.08 13.93
CA ARG C 107 -28.12 -2.74 14.46
C ARG C 107 -28.16 -4.27 14.32
N THR C 108 -29.34 -4.88 14.31
CA THR C 108 -29.47 -6.33 14.45
C THR C 108 -30.06 -6.94 13.18
N TRP C 109 -29.40 -7.98 12.67
CA TRP C 109 -29.75 -8.61 11.41
C TRP C 109 -29.58 -10.12 11.52
N SER C 110 -30.31 -10.85 10.70
CA SER C 110 -30.07 -12.29 10.58
C SER C 110 -28.79 -12.57 9.80
N VAL C 111 -28.23 -13.76 10.04
CA VAL C 111 -27.09 -14.24 9.26
C VAL C 111 -27.38 -14.18 7.77
N ARG C 112 -28.60 -14.59 7.38
CA ARG C 112 -28.95 -14.56 5.95
C ARG C 112 -28.85 -13.14 5.40
N ASP C 113 -29.32 -12.16 6.18
CA ASP C 113 -29.32 -10.77 5.73
C ASP C 113 -27.90 -10.20 5.70
N LEU C 114 -27.08 -10.48 6.72
CA LEU C 114 -25.69 -10.04 6.69
C LEU C 114 -24.95 -10.60 5.47
N TYR C 115 -25.20 -11.86 5.14
CA TYR C 115 -24.55 -12.53 4.02
C TYR C 115 -24.98 -11.90 2.69
N SER C 116 -26.27 -11.60 2.52
CA SER C 116 -26.72 -10.88 1.34
C SER C 116 -26.09 -9.50 1.27
N ALA C 117 -26.00 -8.80 2.40
CA ALA C 117 -25.45 -7.45 2.38
C ALA C 117 -23.97 -7.47 2.00
N MET C 118 -23.24 -8.42 2.56
CA MET C 118 -21.82 -8.59 2.24
C MET C 118 -21.62 -8.80 0.74
N LEU C 119 -22.41 -9.69 0.15
CA LEU C 119 -22.24 -10.02 -1.26
C LEU C 119 -22.80 -8.97 -2.20
N THR C 120 -23.90 -8.32 -1.84
CA THR C 120 -24.63 -7.48 -2.79
C THR C 120 -24.13 -6.02 -2.79
N MET C 121 -24.17 -5.35 -1.64
CA MET C 121 -23.70 -3.98 -1.51
C MET C 121 -22.28 -3.89 -0.98
N SER C 122 -21.67 -5.02 -0.61
CA SER C 122 -20.30 -5.07 -0.11
C SER C 122 -20.14 -4.30 1.21
N ALA C 123 -21.04 -4.57 2.15
CA ALA C 123 -20.99 -3.94 3.47
C ALA C 123 -19.89 -4.55 4.32
N ASN C 124 -18.91 -3.72 4.70
CA ASN C 124 -17.79 -4.19 5.51
C ASN C 124 -18.22 -4.62 6.91
N ASP C 125 -19.15 -3.89 7.52
CA ASP C 125 -19.58 -4.26 8.87
C ASP C 125 -20.29 -5.61 8.87
N ALA C 126 -21.10 -5.87 7.85
CA ALA C 126 -21.73 -7.19 7.72
C ALA C 126 -20.71 -8.31 7.62
N ALA C 127 -19.67 -8.11 6.79
CA ALA C 127 -18.63 -9.15 6.62
C ALA C 127 -17.92 -9.41 7.95
N GLU C 128 -17.51 -8.35 8.65
CA GLU C 128 -16.81 -8.54 9.92
C GLU C 128 -17.71 -9.19 10.95
N THR C 129 -19.01 -8.89 10.92
CA THR C 129 -19.93 -9.49 11.87
C THR C 129 -20.01 -11.00 11.69
N LEU C 130 -20.04 -11.44 10.44
CA LEU C 130 -20.05 -12.88 10.13
C LEU C 130 -18.76 -13.55 10.61
N GLY C 131 -17.62 -12.93 10.31
CA GLY C 131 -16.36 -13.55 10.70
C GLY C 131 -16.22 -13.69 12.20
N ASP C 132 -16.63 -12.66 12.94
CA ASP C 132 -16.63 -12.71 14.39
C ASP C 132 -17.52 -13.85 14.90
N ARG C 133 -18.70 -14.01 14.29
CA ARG C 133 -19.58 -15.11 14.70
C ARG C 133 -18.96 -16.47 14.40
N LEU C 134 -18.29 -16.59 13.24
CA LEU C 134 -17.78 -17.87 12.80
C LEU C 134 -16.62 -18.34 13.68
N ASP C 135 -15.65 -17.46 13.92
CA ASP C 135 -14.42 -17.89 14.59
C ASP C 135 -13.81 -16.83 15.53
N GLY C 136 -14.53 -15.78 15.87
CA GLY C 136 -13.98 -14.78 16.79
C GLY C 136 -12.74 -14.13 16.22
N ALA C 137 -11.68 -14.06 17.04
CA ALA C 137 -10.42 -13.48 16.62
C ALA C 137 -9.59 -14.42 15.76
N ASP C 138 -10.07 -15.63 15.51
CA ASP C 138 -9.35 -16.64 14.76
C ASP C 138 -9.90 -16.82 13.36
N PHE C 139 -10.70 -15.88 12.88
CA PHE C 139 -11.24 -16.07 11.55
C PHE C 139 -10.19 -15.98 10.43
N PRO C 140 -9.20 -15.07 10.48
CA PRO C 140 -8.19 -15.08 9.41
C PRO C 140 -7.50 -16.41 9.24
N LYS C 141 -7.19 -17.12 10.34
CA LYS C 141 -6.65 -18.46 10.25
C LYS C 141 -7.56 -19.35 9.40
N GLU C 142 -8.86 -19.31 9.65
CA GLU C 142 -9.77 -20.21 8.94
C GLU C 142 -9.90 -19.82 7.47
N MET C 143 -9.86 -18.53 7.17
CA MET C 143 -9.82 -18.08 5.78
C MET C 143 -8.60 -18.66 5.07
N ASN C 144 -7.43 -18.61 5.69
CA ASN C 144 -6.23 -19.07 5.01
C ASN C 144 -6.12 -20.60 5.00
N ASN C 145 -6.65 -21.28 6.02
CA ASN C 145 -6.75 -22.74 5.95
C ASN C 145 -7.63 -23.15 4.78
N GLN C 146 -8.81 -22.53 4.68
CA GLN C 146 -9.69 -22.81 3.55
C GLN C 146 -8.97 -22.59 2.24
N ALA C 147 -8.29 -21.44 2.11
CA ALA C 147 -7.56 -21.11 0.88
C ALA C 147 -6.65 -22.26 0.45
N LYS C 148 -5.85 -22.77 1.37
CA LYS C 148 -5.00 -23.92 1.05
C LYS C 148 -5.85 -25.13 0.66
N LYS C 149 -6.92 -25.40 1.40
CA LYS C 149 -7.79 -26.52 1.06
C LYS C 149 -8.38 -26.40 -0.34
N LEU C 150 -8.70 -25.17 -0.77
CA LEU C 150 -9.21 -24.95 -2.14
C LEU C 150 -8.12 -24.90 -3.20
N GLY C 151 -6.86 -25.10 -2.83
CA GLY C 151 -5.81 -25.17 -3.82
C GLY C 151 -5.11 -23.86 -4.13
N MET C 152 -5.42 -22.80 -3.39
CA MET C 152 -4.78 -21.51 -3.61
C MET C 152 -3.31 -21.56 -3.17
N SER C 153 -2.46 -20.85 -3.91
CA SER C 153 -1.04 -20.83 -3.66
C SER C 153 -0.72 -20.04 -2.39
N SER C 154 0.52 -20.21 -1.91
CA SER C 154 1.00 -19.48 -0.75
C SER C 154 1.06 -17.98 -0.97
N LYS C 155 0.91 -17.50 -2.21
CA LYS C 155 0.90 -16.07 -2.46
C LYS C 155 -0.41 -15.42 -2.06
N THR C 156 -1.41 -16.21 -1.67
CA THR C 156 -2.66 -15.70 -1.14
C THR C 156 -2.56 -15.57 0.37
N THR C 157 -3.02 -14.44 0.89
CA THR C 157 -3.14 -14.25 2.33
C THR C 157 -4.32 -13.33 2.60
N PHE C 158 -5.31 -13.84 3.35
CA PHE C 158 -6.40 -13.03 3.86
C PHE C 158 -6.06 -12.51 5.24
N VAL C 159 -6.57 -11.31 5.54
CA VAL C 159 -6.33 -10.70 6.83
C VAL C 159 -7.61 -10.43 7.62
N SER C 160 -8.78 -10.45 6.99
CA SER C 160 -10.02 -10.04 7.62
C SER C 160 -11.19 -10.52 6.78
N ALA C 161 -12.36 -10.61 7.42
CA ALA C 161 -13.54 -11.12 6.73
C ALA C 161 -13.97 -10.18 5.61
N SER C 162 -13.76 -8.88 5.79
CA SER C 162 -14.15 -7.87 4.82
C SER C 162 -13.08 -7.58 3.78
N GLY C 163 -11.83 -7.83 4.13
CA GLY C 163 -10.73 -7.40 3.30
C GLY C 163 -10.16 -6.05 3.66
N LEU C 164 -10.67 -5.42 4.72
CA LEU C 164 -10.03 -4.26 5.30
C LEU C 164 -8.64 -4.65 5.81
N ASP C 165 -7.71 -3.71 5.70
CA ASP C 165 -6.37 -3.89 6.26
C ASP C 165 -6.44 -4.16 7.76
N VAL C 166 -5.46 -4.91 8.27
CA VAL C 166 -5.37 -5.24 9.69
C VAL C 166 -3.92 -5.07 10.13
N ASP C 167 -3.69 -4.14 11.07
CA ASP C 167 -2.34 -3.87 11.60
C ASP C 167 -1.36 -3.53 10.49
N GLY C 168 -1.84 -2.87 9.44
CA GLY C 168 -1.00 -2.54 8.31
C GLY C 168 -0.77 -3.65 7.30
N LYS C 169 -1.37 -4.83 7.49
CA LYS C 169 -1.26 -5.88 6.50
C LYS C 169 -2.49 -5.90 5.60
N SER C 170 -2.28 -6.27 4.34
CA SER C 170 -3.33 -6.25 3.33
C SER C 170 -3.64 -7.67 2.86
N ALA C 171 -4.89 -7.86 2.47
CA ALA C 171 -5.29 -9.09 1.78
C ALA C 171 -4.73 -9.08 0.36
N VAL C 172 -4.07 -10.18 -0.03
CA VAL C 172 -3.47 -10.27 -1.37
C VAL C 172 -3.73 -11.65 -1.96
N SER C 173 -3.67 -11.71 -3.29
CA SER C 173 -3.85 -12.95 -4.04
C SER C 173 -3.32 -12.73 -5.45
N THR C 174 -3.59 -13.68 -6.34
CA THR C 174 -3.30 -13.58 -7.76
C THR C 174 -4.57 -13.92 -8.52
N THR C 175 -4.60 -13.60 -9.82
CA THR C 175 -5.78 -13.97 -10.60
C THR C 175 -5.95 -15.48 -10.68
N LYS C 176 -4.84 -16.22 -10.82
CA LYS C 176 -4.94 -17.67 -10.78
C LYS C 176 -5.59 -18.14 -9.48
N ASP C 177 -5.06 -17.68 -8.36
CA ASP C 177 -5.60 -18.08 -7.05
C ASP C 177 -7.06 -17.66 -6.91
N LEU C 178 -7.41 -16.45 -7.35
CA LEU C 178 -8.79 -16.00 -7.21
C LEU C 178 -9.73 -16.84 -8.09
N PHE C 179 -9.24 -17.29 -9.25
CA PHE C 179 -10.05 -18.22 -10.05
C PHE C 179 -10.31 -19.51 -9.28
N LEU C 180 -9.28 -20.03 -8.59
CA LEU C 180 -9.44 -21.29 -7.86
C LEU C 180 -10.47 -21.14 -6.75
N LEU C 181 -10.35 -20.05 -5.98
CA LEU C 181 -11.36 -19.74 -4.98
C LEU C 181 -12.74 -19.65 -5.60
N SER C 182 -12.85 -18.95 -6.72
CA SER C 182 -14.18 -18.67 -7.28
C SER C 182 -14.81 -19.93 -7.83
N SER C 183 -14.05 -20.71 -8.62
CA SER C 183 -14.62 -21.93 -9.19
C SER C 183 -14.99 -22.91 -8.09
N LYS C 184 -14.18 -22.98 -7.03
CA LYS C 184 -14.47 -23.88 -5.92
C LYS C 184 -15.67 -23.41 -5.11
N LEU C 185 -15.79 -22.09 -4.92
CA LEU C 185 -16.98 -21.55 -4.28
C LEU C 185 -18.24 -21.94 -5.05
N ILE C 186 -18.19 -21.80 -6.38
CA ILE C 186 -19.37 -22.03 -7.21
C ILE C 186 -19.67 -23.52 -7.32
N SER C 187 -18.65 -24.37 -7.42
CA SER C 187 -18.91 -25.81 -7.53
C SER C 187 -19.36 -26.40 -6.19
N THR C 188 -18.84 -25.88 -5.07
CA THR C 188 -19.23 -26.43 -3.77
C THR C 188 -20.58 -25.90 -3.32
N HIS C 189 -20.83 -24.62 -3.57
CA HIS C 189 -22.04 -23.94 -3.11
C HIS C 189 -22.68 -23.19 -4.26
N PRO C 190 -23.31 -23.90 -5.18
CA PRO C 190 -23.89 -23.22 -6.36
C PRO C 190 -24.97 -22.23 -6.00
N GLU C 191 -25.59 -22.34 -4.81
CA GLU C 191 -26.61 -21.39 -4.39
C GLU C 191 -26.05 -19.99 -4.16
N VAL C 192 -24.73 -19.81 -4.04
CA VAL C 192 -24.18 -18.46 -3.95
C VAL C 192 -24.68 -17.60 -5.12
N LEU C 193 -24.80 -18.21 -6.31
CA LEU C 193 -25.26 -17.50 -7.50
C LEU C 193 -26.71 -17.04 -7.38
N GLU C 194 -27.52 -17.70 -6.54
CA GLU C 194 -28.89 -17.23 -6.31
C GLU C 194 -28.90 -15.87 -5.64
N THR C 195 -27.82 -15.52 -4.94
CA THR C 195 -27.73 -14.17 -4.40
C THR C 195 -26.99 -13.23 -5.37
N THR C 196 -25.83 -13.66 -5.91
CA THR C 196 -25.02 -12.75 -6.72
C THR C 196 -25.63 -12.44 -8.07
N SER C 197 -26.57 -13.26 -8.54
CA SER C 197 -27.23 -12.98 -9.81
C SER C 197 -28.29 -11.88 -9.72
N LYS C 198 -28.60 -11.37 -8.51
CA LYS C 198 -29.75 -10.50 -8.32
C LYS C 198 -29.31 -9.03 -8.30
N PRO C 199 -29.86 -8.19 -9.16
CA PRO C 199 -29.50 -6.75 -9.11
C PRO C 199 -30.00 -6.07 -7.85
N THR C 200 -31.07 -6.57 -7.24
CA THR C 200 -31.49 -6.09 -5.93
C THR C 200 -31.92 -7.29 -5.10
N VAL C 201 -31.47 -7.30 -3.85
CA VAL C 201 -31.83 -8.37 -2.91
C VAL C 201 -32.69 -7.75 -1.82
N THR C 202 -33.88 -8.31 -1.63
CA THR C 202 -34.78 -7.87 -0.58
C THR C 202 -34.49 -8.71 0.66
N THR C 203 -34.08 -8.04 1.74
CA THR C 203 -33.65 -8.76 2.91
C THR C 203 -34.84 -9.36 3.64
N ASP C 204 -34.53 -10.28 4.55
CA ASP C 204 -35.54 -10.77 5.49
C ASP C 204 -36.24 -9.61 6.19
N LYS C 205 -35.45 -8.68 6.73
CA LYS C 205 -36.03 -7.57 7.50
C LYS C 205 -36.87 -6.65 6.61
N GLY C 206 -36.40 -6.39 5.39
CA GLY C 206 -37.20 -5.67 4.41
C GLY C 206 -36.40 -4.74 3.54
N ALA C 207 -35.26 -4.25 4.05
CA ALA C 207 -34.40 -3.36 3.28
C ALA C 207 -34.04 -3.99 1.94
N LYS C 208 -34.03 -3.17 0.90
CA LYS C 208 -33.61 -3.60 -0.43
C LYS C 208 -32.16 -3.18 -0.65
N LEU C 209 -31.30 -4.15 -0.97
CA LEU C 209 -29.89 -3.90 -1.22
C LEU C 209 -29.63 -3.92 -2.72
N GLU C 210 -29.04 -2.84 -3.23
CA GLU C 210 -28.67 -2.76 -4.64
C GLU C 210 -27.33 -3.45 -4.88
N SER C 211 -27.24 -4.20 -5.98
CA SER C 211 -25.97 -4.84 -6.30
C SER C 211 -24.98 -3.82 -6.85
N THR C 212 -23.69 -4.05 -6.57
CA THR C 212 -22.60 -3.29 -7.14
C THR C 212 -22.19 -3.83 -8.50
N ASN C 213 -22.69 -5.00 -8.86
CA ASN C 213 -22.42 -5.62 -10.17
C ASN C 213 -23.29 -4.93 -11.21
N ASP C 214 -22.71 -3.94 -11.91
CA ASP C 214 -23.42 -3.21 -12.96
C ASP C 214 -23.58 -4.01 -14.25
N LEU C 215 -23.01 -5.20 -14.34
CA LEU C 215 -23.11 -5.99 -15.56
C LEU C 215 -24.26 -6.99 -15.56
N LEU C 216 -24.98 -7.12 -14.44
CA LEU C 216 -26.17 -7.95 -14.42
C LEU C 216 -27.22 -7.38 -15.37
N GLY C 217 -27.76 -8.23 -16.25
CA GLY C 217 -28.68 -7.78 -17.27
C GLY C 217 -28.04 -7.09 -18.45
N SER C 218 -26.71 -6.99 -18.47
CA SER C 218 -25.94 -6.45 -19.59
C SER C 218 -25.27 -7.54 -20.41
N ILE C 219 -24.62 -8.49 -19.75
CA ILE C 219 -23.91 -9.57 -20.41
C ILE C 219 -24.74 -10.84 -20.25
N GLN C 220 -25.15 -11.42 -21.38
CA GLN C 220 -26.00 -12.61 -21.34
C GLN C 220 -25.33 -13.73 -20.55
N GLY C 221 -26.09 -14.35 -19.63
CA GLY C 221 -25.58 -15.45 -18.83
C GLY C 221 -24.80 -15.04 -17.60
N LEU C 222 -24.52 -13.76 -17.42
CA LEU C 222 -23.64 -13.35 -16.32
C LEU C 222 -24.42 -13.33 -15.00
N ASP C 223 -23.87 -13.99 -13.95
CA ASP C 223 -24.64 -14.13 -12.73
C ASP C 223 -23.80 -13.98 -11.45
N GLY C 224 -22.66 -13.31 -11.54
CA GLY C 224 -21.77 -13.05 -10.41
C GLY C 224 -20.59 -12.28 -10.94
N LEU C 225 -19.61 -12.02 -10.06
CA LEU C 225 -19.58 -12.57 -8.71
C LEU C 225 -19.37 -11.47 -7.63
N LYS C 226 -18.35 -10.61 -7.79
CA LYS C 226 -18.03 -9.69 -6.69
C LYS C 226 -17.11 -8.53 -7.08
N THR C 227 -17.47 -7.32 -6.67
CA THR C 227 -16.68 -6.12 -6.89
C THR C 227 -15.73 -5.85 -5.72
N GLY C 228 -14.79 -4.94 -5.96
CA GLY C 228 -13.89 -4.47 -4.94
C GLY C 228 -13.24 -3.17 -5.37
N PHE C 229 -12.76 -2.41 -4.38
CA PHE C 229 -12.08 -1.14 -4.61
C PHE C 229 -11.42 -0.62 -3.34
N THR C 230 -10.12 -0.32 -3.43
CA THR C 230 -9.46 0.61 -2.53
C THR C 230 -8.52 1.43 -3.38
N ASP C 231 -7.92 2.48 -2.80
CA ASP C 231 -6.95 3.23 -3.59
C ASP C 231 -5.79 2.35 -4.02
N GLU C 232 -5.40 1.39 -3.18
CA GLU C 232 -4.26 0.54 -3.51
C GLU C 232 -4.66 -0.59 -4.45
N ALA C 233 -5.84 -1.16 -4.28
CA ALA C 233 -6.28 -2.26 -5.11
C ALA C 233 -6.84 -1.81 -6.45
N GLY C 234 -7.11 -0.52 -6.63
CA GLY C 234 -7.86 -0.11 -7.78
C GLY C 234 -9.25 -0.74 -7.81
N TYR C 235 -9.90 -0.58 -8.96
CA TYR C 235 -11.25 -1.08 -9.16
C TYR C 235 -11.19 -2.52 -9.65
N CYS C 236 -11.82 -3.43 -8.91
CA CYS C 236 -11.68 -4.85 -9.18
C CYS C 236 -13.04 -5.50 -9.38
N PHE C 237 -13.06 -6.56 -10.19
CA PHE C 237 -14.29 -7.32 -10.38
C PHE C 237 -13.97 -8.76 -10.76
N ILE C 238 -14.65 -9.69 -10.10
CA ILE C 238 -14.67 -11.10 -10.51
C ILE C 238 -16.04 -11.35 -11.11
N GLY C 239 -16.10 -11.68 -12.39
CA GLY C 239 -17.35 -12.01 -13.06
C GLY C 239 -17.45 -13.50 -13.32
N THR C 240 -18.68 -14.00 -13.41
CA THR C 240 -18.91 -15.36 -13.93
C THR C 240 -20.18 -15.36 -14.77
N ALA C 241 -20.18 -16.16 -15.83
CA ALA C 241 -21.32 -16.26 -16.74
C ALA C 241 -21.40 -17.67 -17.27
N GLU C 242 -22.59 -18.10 -17.63
CA GLU C 242 -22.72 -19.44 -18.20
C GLU C 242 -23.65 -19.41 -19.40
N ARG C 243 -23.27 -20.14 -20.45
CA ARG C 243 -24.05 -20.26 -21.67
C ARG C 243 -23.93 -21.67 -22.19
N GLY C 244 -25.06 -22.36 -22.31
CA GLY C 244 -25.08 -23.70 -22.91
C GLY C 244 -24.20 -24.71 -22.22
N GLY C 245 -24.08 -24.64 -20.89
CA GLY C 245 -23.26 -25.55 -20.12
C GLY C 245 -21.82 -25.11 -19.93
N LYS C 246 -21.37 -24.10 -20.66
CA LYS C 246 -20.01 -23.59 -20.52
C LYS C 246 -20.00 -22.39 -19.58
N ARG C 247 -19.26 -22.49 -18.48
CA ARG C 247 -19.15 -21.40 -17.52
C ARG C 247 -17.73 -20.88 -17.53
N VAL C 248 -17.60 -19.56 -17.44
CA VAL C 248 -16.29 -18.90 -17.40
C VAL C 248 -16.25 -18.01 -16.18
N ILE C 249 -15.03 -17.72 -15.74
CA ILE C 249 -14.75 -16.81 -14.65
C ILE C 249 -13.69 -15.81 -15.12
N SER C 250 -13.99 -14.53 -14.97
CA SER C 250 -13.06 -13.46 -15.33
C SER C 250 -12.58 -12.77 -14.06
N ILE C 251 -11.30 -12.38 -14.05
CA ILE C 251 -10.69 -11.67 -12.93
C ILE C 251 -10.14 -10.36 -13.46
N VAL C 252 -10.48 -9.25 -12.79
CA VAL C 252 -10.04 -7.90 -13.17
C VAL C 252 -9.54 -7.22 -11.89
N LEU C 253 -8.24 -6.93 -11.84
CA LEU C 253 -7.60 -6.30 -10.69
C LEU C 253 -6.93 -4.99 -11.11
N ASP C 254 -7.18 -3.92 -10.36
CA ASP C 254 -6.51 -2.63 -10.51
C ASP C 254 -6.86 -1.92 -11.84
N ALA C 255 -8.15 -1.88 -12.15
CA ALA C 255 -8.59 -1.02 -13.24
C ALA C 255 -8.70 0.43 -12.75
N GLY C 256 -8.79 1.36 -13.69
CA GLY C 256 -8.63 2.77 -13.37
C GLY C 256 -9.87 3.48 -12.88
N THR C 257 -11.05 3.02 -13.28
CA THR C 257 -12.30 3.63 -12.84
C THR C 257 -13.31 2.53 -12.50
N ALA C 258 -14.37 2.93 -11.78
CA ALA C 258 -15.43 1.99 -11.44
C ALA C 258 -16.07 1.39 -12.69
N GLU C 259 -16.07 2.14 -13.80
CA GLU C 259 -16.65 1.62 -15.03
C GLU C 259 -15.64 0.75 -15.80
N LYS C 260 -14.37 1.14 -15.83
CA LYS C 260 -13.38 0.41 -16.62
C LYS C 260 -13.23 -1.05 -16.20
N ARG C 261 -13.45 -1.37 -14.91
CA ARG C 261 -13.41 -2.78 -14.51
C ARG C 261 -14.50 -3.58 -15.20
N PHE C 262 -15.63 -2.96 -15.50
CA PHE C 262 -16.68 -3.66 -16.23
C PHE C 262 -16.44 -3.67 -17.74
N LYS C 263 -15.84 -2.61 -18.30
CA LYS C 263 -15.43 -2.64 -19.70
C LYS C 263 -14.39 -3.73 -19.93
N ASP C 264 -13.40 -3.84 -19.03
CA ASP C 264 -12.43 -4.92 -19.11
C ASP C 264 -13.13 -6.27 -19.03
N THR C 265 -14.15 -6.35 -18.18
CA THR C 265 -14.86 -7.62 -18.01
C THR C 265 -15.66 -7.99 -19.25
N GLU C 266 -16.24 -6.99 -19.92
CA GLU C 266 -16.93 -7.25 -21.19
C GLU C 266 -15.97 -7.83 -22.22
N LYS C 267 -14.76 -7.28 -22.31
CA LYS C 267 -13.77 -7.81 -23.25
C LYS C 267 -13.41 -9.24 -22.90
N LEU C 268 -13.26 -9.54 -21.60
CA LEU C 268 -12.83 -10.88 -21.18
C LEU C 268 -13.92 -11.92 -21.41
N MET C 269 -15.18 -11.55 -21.19
CA MET C 269 -16.28 -12.48 -21.40
C MET C 269 -16.47 -12.80 -22.87
N GLU C 270 -16.25 -11.82 -23.74
CA GLU C 270 -16.29 -12.11 -25.17
C GLU C 270 -15.22 -13.13 -25.54
N VAL C 271 -14.02 -12.98 -24.99
CA VAL C 271 -12.96 -13.96 -25.20
C VAL C 271 -13.37 -15.30 -24.63
N GLY C 272 -14.01 -15.30 -23.46
CA GLY C 272 -14.39 -16.53 -22.79
C GLY C 272 -15.35 -17.38 -23.60
N PHE C 273 -16.21 -16.74 -24.40
CA PHE C 273 -17.24 -17.45 -25.14
C PHE C 273 -16.98 -17.48 -26.63
N LYS C 274 -15.77 -17.17 -27.06
CA LYS C 274 -15.41 -17.22 -28.49
C LYS C 274 -15.51 -18.63 -29.03
N GLU D 27 -18.44 35.83 -3.69
CA GLU D 27 -17.91 37.00 -4.40
C GLU D 27 -16.55 36.70 -5.02
N GLN D 28 -16.36 37.14 -6.25
CA GLN D 28 -15.13 36.84 -6.98
C GLN D 28 -14.23 38.06 -7.05
N PRO D 29 -12.90 37.85 -7.16
CA PRO D 29 -11.99 39.00 -7.24
C PRO D 29 -12.07 39.74 -8.57
N ASN D 30 -11.09 40.58 -8.85
CA ASN D 30 -10.97 41.30 -10.11
C ASN D 30 -9.56 41.07 -10.63
N LEU D 31 -9.43 40.24 -11.68
CA LEU D 31 -8.13 39.68 -12.01
C LEU D 31 -7.36 40.44 -13.10
N TYR D 32 -8.05 41.19 -13.96
CA TYR D 32 -7.42 41.84 -15.12
C TYR D 32 -6.73 40.81 -16.01
N LEU D 33 -7.58 40.04 -16.67
CA LEU D 33 -7.11 39.00 -17.59
C LEU D 33 -6.91 39.59 -18.98
N SER D 34 -6.03 38.96 -19.75
CA SER D 34 -5.98 39.22 -21.18
C SER D 34 -7.19 38.59 -21.87
N ALA D 35 -7.58 37.40 -21.41
CA ALA D 35 -8.69 36.66 -21.98
C ALA D 35 -9.96 37.49 -22.06
N ASN D 36 -10.65 37.37 -23.20
CA ASN D 36 -12.00 37.92 -23.30
C ASN D 36 -12.99 37.13 -22.44
N ALA D 37 -12.82 35.82 -22.37
CA ALA D 37 -13.69 34.94 -21.60
C ALA D 37 -12.82 33.99 -20.80
N ALA D 38 -13.18 33.77 -19.53
CA ALA D 38 -12.33 32.98 -18.65
C ALA D 38 -13.08 32.53 -17.41
N ALA D 39 -12.64 31.39 -16.86
CA ALA D 39 -13.29 30.86 -15.67
C ALA D 39 -12.36 29.86 -14.99
N VAL D 40 -12.66 29.59 -13.72
CA VAL D 40 -12.02 28.48 -13.02
C VAL D 40 -13.06 27.85 -12.09
N TYR D 41 -13.11 26.51 -12.09
CA TYR D 41 -14.17 25.76 -11.41
C TYR D 41 -13.57 24.72 -10.49
N SER D 42 -14.29 24.45 -9.40
CA SER D 42 -13.96 23.33 -8.54
C SER D 42 -14.57 22.08 -9.13
N VAL D 43 -13.76 21.02 -9.24
CA VAL D 43 -14.28 19.76 -9.73
C VAL D 43 -15.19 19.12 -8.69
N GLU D 44 -14.81 19.22 -7.41
CA GLU D 44 -15.51 18.51 -6.35
C GLU D 44 -17.01 18.82 -6.34
N ASN D 45 -17.43 19.98 -6.86
CA ASN D 45 -18.85 20.25 -6.95
C ASN D 45 -19.22 21.08 -8.18
N GLY D 46 -18.33 21.29 -9.13
CA GLY D 46 -18.67 21.96 -10.36
C GLY D 46 -18.92 23.45 -10.26
N GLU D 47 -18.77 24.05 -9.07
CA GLU D 47 -19.15 25.44 -8.92
C GLU D 47 -18.03 26.37 -9.36
N ALA D 48 -18.44 27.55 -9.84
CA ALA D 48 -17.51 28.54 -10.37
C ALA D 48 -16.81 29.28 -9.24
N LEU D 49 -15.49 29.42 -9.35
CA LEU D 49 -14.74 30.25 -8.43
C LEU D 49 -14.40 31.61 -9.02
N TYR D 50 -14.44 31.73 -10.35
CA TYR D 50 -14.28 32.99 -11.07
C TYR D 50 -14.88 32.77 -12.45
N GLU D 51 -15.60 33.78 -12.94
CA GLU D 51 -16.24 33.66 -14.25
C GLU D 51 -16.28 35.03 -14.93
N GLN D 52 -15.93 35.04 -16.21
CA GLN D 52 -15.94 36.25 -17.02
C GLN D 52 -16.43 35.87 -18.41
N ASN D 53 -17.59 36.40 -18.81
CA ASN D 53 -18.23 36.02 -20.07
C ASN D 53 -18.40 34.50 -20.18
N ALA D 54 -18.85 33.86 -19.10
CA ALA D 54 -18.85 32.41 -19.04
C ALA D 54 -19.93 31.75 -19.89
N ASP D 55 -20.91 32.51 -20.36
CA ASP D 55 -21.93 31.99 -21.26
C ASP D 55 -21.78 32.54 -22.67
N LYS D 56 -20.69 33.27 -22.93
CA LYS D 56 -20.47 33.83 -24.25
C LYS D 56 -20.03 32.72 -25.21
N VAL D 57 -20.69 32.66 -26.37
CA VAL D 57 -20.25 31.76 -27.43
C VAL D 57 -18.91 32.22 -27.96
N MET D 58 -17.92 31.31 -27.95
CA MET D 58 -16.54 31.62 -28.33
C MET D 58 -15.95 30.52 -29.20
N PRO D 59 -15.19 30.89 -30.22
CA PRO D 59 -14.44 29.89 -31.00
C PRO D 59 -13.41 29.23 -30.10
N ILE D 60 -13.23 27.92 -30.29
CA ILE D 60 -12.41 27.13 -29.38
C ILE D 60 -11.26 26.44 -30.08
N ALA D 61 -11.30 26.28 -31.41
CA ALA D 61 -10.18 25.80 -32.24
C ALA D 61 -9.63 24.49 -31.66
N SER D 62 -8.34 24.38 -31.38
CA SER D 62 -7.70 23.11 -31.04
C SER D 62 -8.19 22.52 -29.72
N LEU D 63 -8.88 23.30 -28.88
CA LEU D 63 -9.51 22.69 -27.72
C LEU D 63 -10.47 21.57 -28.14
N SER D 64 -10.97 21.60 -29.38
CA SER D 64 -11.80 20.51 -29.89
C SER D 64 -11.14 19.14 -29.73
N LYS D 65 -9.80 19.09 -29.78
CA LYS D 65 -9.08 17.82 -29.69
C LYS D 65 -9.34 17.08 -28.39
N LEU D 66 -9.82 17.77 -27.34
CA LEU D 66 -10.23 17.07 -26.13
C LEU D 66 -11.43 16.18 -26.36
N MET D 67 -12.37 16.63 -27.22
CA MET D 67 -13.49 15.76 -27.57
C MET D 67 -13.01 14.57 -28.41
N THR D 68 -12.11 14.83 -29.36
CA THR D 68 -11.53 13.73 -30.14
C THR D 68 -10.82 12.74 -29.22
N ALA D 69 -10.05 13.24 -28.25
CA ALA D 69 -9.40 12.35 -27.31
C ALA D 69 -10.41 11.54 -26.52
N PHE D 70 -11.48 12.19 -26.03
CA PHE D 70 -12.52 11.46 -25.33
C PHE D 70 -13.03 10.29 -26.16
N LEU D 71 -13.33 10.55 -27.44
CA LEU D 71 -13.91 9.50 -28.27
C LEU D 71 -12.91 8.41 -28.60
N VAL D 72 -11.61 8.75 -28.72
CA VAL D 72 -10.59 7.70 -28.86
C VAL D 72 -10.61 6.80 -27.64
N LEU D 73 -10.63 7.40 -26.44
CA LEU D 73 -10.58 6.60 -25.23
C LEU D 73 -11.84 5.76 -25.08
N GLU D 74 -13.01 6.34 -25.40
CA GLU D 74 -14.25 5.56 -25.40
C GLU D 74 -14.14 4.35 -26.31
N ALA D 75 -13.55 4.52 -27.50
CA ALA D 75 -13.51 3.44 -28.48
C ALA D 75 -12.59 2.31 -28.04
N VAL D 76 -11.47 2.64 -27.39
CA VAL D 76 -10.61 1.59 -26.87
C VAL D 76 -11.32 0.81 -25.77
N ASP D 77 -11.98 1.52 -24.86
CA ASP D 77 -12.71 0.86 -23.78
C ASP D 77 -13.88 0.03 -24.30
N ASN D 78 -14.46 0.41 -25.44
CA ASN D 78 -15.57 -0.30 -26.03
C ASN D 78 -15.13 -1.41 -26.97
N ASN D 79 -13.83 -1.71 -27.02
CA ASN D 79 -13.28 -2.81 -27.82
C ASN D 79 -13.48 -2.59 -29.31
N GLU D 80 -13.45 -1.33 -29.74
CA GLU D 80 -13.64 -0.96 -31.13
C GLU D 80 -12.39 -0.34 -31.75
N LEU D 81 -11.35 -0.10 -30.96
CA LEU D 81 -10.17 0.59 -31.42
C LEU D 81 -8.96 0.04 -30.65
N SER D 82 -7.87 -0.22 -31.37
CA SER D 82 -6.64 -0.77 -30.80
C SER D 82 -5.58 0.31 -30.71
N TRP D 83 -4.90 0.40 -29.56
CA TRP D 83 -3.83 1.40 -29.41
C TRP D 83 -2.71 1.19 -30.42
N ASP D 84 -2.46 -0.06 -30.83
CA ASP D 84 -1.32 -0.37 -31.67
C ASP D 84 -1.62 -0.38 -33.16
N GLU D 85 -2.88 -0.25 -33.57
CA GLU D 85 -3.14 -0.31 -35.00
C GLU D 85 -2.56 0.91 -35.70
N LYS D 86 -2.05 0.68 -36.89
CA LYS D 86 -1.30 1.69 -37.62
C LYS D 86 -2.22 2.44 -38.56
N LEU D 87 -2.09 3.76 -38.58
CA LEU D 87 -2.86 4.60 -39.47
C LEU D 87 -1.91 5.53 -40.22
N ASP D 88 -2.33 5.95 -41.40
CA ASP D 88 -1.56 6.89 -42.21
C ASP D 88 -2.12 8.30 -42.08
N LEU D 89 -1.23 9.25 -41.76
CA LEU D 89 -1.62 10.64 -41.57
C LEU D 89 -2.29 11.19 -42.82
N VAL D 90 -3.50 11.72 -42.65
CA VAL D 90 -4.16 12.41 -43.74
C VAL D 90 -3.36 13.69 -44.06
N ARG D 91 -3.65 14.25 -45.22
CA ARG D 91 -2.96 15.45 -45.70
C ARG D 91 -3.83 16.68 -45.43
N LEU D 92 -3.28 17.64 -44.69
CA LEU D 92 -4.00 18.89 -44.48
C LEU D 92 -3.93 19.76 -45.73
N ASP D 93 -4.93 20.63 -45.87
CA ASP D 93 -4.89 21.59 -46.99
C ASP D 93 -3.77 22.60 -46.82
N ASP D 94 -3.44 22.95 -45.57
CA ASP D 94 -2.42 23.95 -45.29
C ASP D 94 -1.07 23.27 -45.12
N PRO D 95 -0.08 23.54 -45.97
CA PRO D 95 1.29 23.08 -45.71
C PRO D 95 2.02 23.87 -44.62
N SER D 96 1.32 24.75 -43.90
CA SER D 96 1.90 25.54 -42.83
C SER D 96 1.29 25.27 -41.46
N ALA D 97 0.22 24.48 -41.39
CA ALA D 97 -0.35 24.13 -40.10
C ALA D 97 0.62 23.23 -39.32
N VAL D 98 0.45 23.21 -38.00
CA VAL D 98 1.27 22.35 -37.17
C VAL D 98 0.90 20.90 -37.42
N SER D 99 1.90 20.06 -37.69
CA SER D 99 1.62 18.71 -38.12
C SER D 99 2.74 17.77 -37.69
N LEU D 100 2.34 16.55 -37.37
CA LEU D 100 3.27 15.49 -37.04
C LEU D 100 4.14 15.12 -38.24
N TYR D 101 3.55 15.04 -39.43
CA TYR D 101 4.34 14.66 -40.60
C TYR D 101 5.45 15.66 -40.88
N ALA D 102 5.15 16.96 -40.77
CA ALA D 102 6.16 17.97 -41.09
C ALA D 102 7.41 17.81 -40.24
N ILE D 103 7.24 17.50 -38.95
CA ILE D 103 8.37 17.49 -38.03
C ILE D 103 9.06 16.14 -37.93
N THR D 104 8.51 15.09 -38.54
CA THR D 104 9.13 13.77 -38.48
C THR D 104 9.46 13.19 -39.84
N GLN D 105 8.72 13.56 -40.89
CA GLN D 105 8.80 12.96 -42.22
C GLN D 105 8.33 11.51 -42.24
N LYS D 106 7.49 11.09 -41.31
CA LYS D 106 6.97 9.73 -41.28
C LYS D 106 5.46 9.77 -41.41
N ARG D 107 4.91 8.94 -42.28
CA ARG D 107 3.48 8.97 -42.56
C ARG D 107 2.66 8.09 -41.63
N THR D 108 3.20 6.95 -41.21
CA THR D 108 2.42 5.90 -40.55
C THR D 108 2.73 5.85 -39.07
N TRP D 109 1.67 5.85 -38.26
CA TRP D 109 1.80 5.97 -36.80
C TRP D 109 0.73 5.10 -36.15
N SER D 110 1.07 4.57 -34.97
CA SER D 110 0.07 3.87 -34.18
C SER D 110 -0.99 4.85 -33.65
N VAL D 111 -2.15 4.30 -33.29
CA VAL D 111 -3.21 5.10 -32.69
C VAL D 111 -2.69 5.79 -31.43
N ARG D 112 -1.94 5.04 -30.61
CA ARG D 112 -1.31 5.62 -29.42
C ARG D 112 -0.49 6.86 -29.77
N ASP D 113 0.40 6.76 -30.77
CA ASP D 113 1.30 7.88 -31.07
C ASP D 113 0.55 9.06 -31.66
N LEU D 114 -0.46 8.80 -32.48
CA LEU D 114 -1.30 9.88 -32.99
C LEU D 114 -2.05 10.59 -31.87
N TYR D 115 -2.60 9.81 -30.93
CA TYR D 115 -3.26 10.38 -29.77
C TYR D 115 -2.29 11.24 -28.95
N SER D 116 -1.06 10.78 -28.75
CA SER D 116 -0.08 11.58 -28.01
C SER D 116 0.26 12.86 -28.78
N ALA D 117 0.48 12.75 -30.09
CA ALA D 117 0.82 13.94 -30.88
C ALA D 117 -0.31 14.96 -30.84
N MET D 118 -1.54 14.49 -30.98
CA MET D 118 -2.71 15.37 -30.93
C MET D 118 -2.76 16.17 -29.64
N LEU D 119 -2.61 15.49 -28.50
CA LEU D 119 -2.75 16.15 -27.21
C LEU D 119 -1.53 17.00 -26.83
N THR D 120 -0.32 16.56 -27.21
CA THR D 120 0.92 17.16 -26.72
C THR D 120 1.38 18.34 -27.57
N MET D 121 1.61 18.13 -28.87
CA MET D 121 2.06 19.20 -29.75
C MET D 121 0.91 19.83 -30.54
N SER D 122 -0.30 19.31 -30.40
CA SER D 122 -1.49 19.81 -31.08
C SER D 122 -1.39 19.60 -32.58
N ALA D 123 -0.95 18.39 -32.97
CA ALA D 123 -0.81 18.02 -34.37
C ALA D 123 -2.19 17.89 -35.02
N ASN D 124 -2.50 18.80 -35.94
CA ASN D 124 -3.80 18.78 -36.61
C ASN D 124 -3.98 17.51 -37.45
N ASP D 125 -2.92 17.07 -38.14
CA ASP D 125 -3.10 15.92 -39.03
C ASP D 125 -3.32 14.64 -38.23
N ALA D 126 -2.64 14.50 -37.09
CA ALA D 126 -2.91 13.35 -36.22
C ALA D 126 -4.35 13.34 -35.75
N ALA D 127 -4.89 14.51 -35.37
CA ALA D 127 -6.28 14.56 -34.89
C ALA D 127 -7.24 14.14 -35.99
N GLU D 128 -7.07 14.70 -37.19
CA GLU D 128 -7.96 14.36 -38.30
C GLU D 128 -7.86 12.88 -38.67
N THR D 129 -6.68 12.29 -38.49
CA THR D 129 -6.49 10.89 -38.84
C THR D 129 -7.25 10.00 -37.86
N LEU D 130 -7.20 10.36 -36.58
CA LEU D 130 -8.01 9.67 -35.58
C LEU D 130 -9.51 9.82 -35.83
N GLY D 131 -9.95 11.04 -36.14
CA GLY D 131 -11.36 11.24 -36.45
C GLY D 131 -11.83 10.39 -37.61
N ASP D 132 -11.00 10.29 -38.66
CA ASP D 132 -11.35 9.51 -39.85
C ASP D 132 -11.47 8.01 -39.53
N ARG D 133 -10.60 7.50 -38.65
CA ARG D 133 -10.69 6.10 -38.23
C ARG D 133 -11.94 5.86 -37.40
N LEU D 134 -12.29 6.79 -36.52
CA LEU D 134 -13.46 6.62 -35.69
C LEU D 134 -14.74 6.67 -36.52
N ASP D 135 -14.82 7.60 -37.47
CA ASP D 135 -15.99 7.70 -38.34
C ASP D 135 -15.54 8.35 -39.64
N GLY D 136 -15.50 7.56 -40.71
CA GLY D 136 -15.04 8.06 -41.98
C GLY D 136 -16.04 8.89 -42.75
N ALA D 137 -17.30 8.90 -42.32
CA ALA D 137 -18.34 9.65 -43.01
C ALA D 137 -18.62 11.01 -42.36
N ASP D 138 -18.79 11.05 -41.04
CA ASP D 138 -19.23 12.27 -40.38
C ASP D 138 -18.79 12.28 -38.92
N PHE D 139 -17.48 12.37 -38.69
CA PHE D 139 -16.99 12.48 -37.32
C PHE D 139 -17.54 13.69 -36.56
N PRO D 140 -17.74 14.88 -37.17
CA PRO D 140 -18.34 15.97 -36.39
C PRO D 140 -19.69 15.62 -35.78
N LYS D 141 -20.55 14.88 -36.48
CA LYS D 141 -21.80 14.43 -35.88
C LYS D 141 -21.54 13.54 -34.65
N GLU D 142 -20.49 12.73 -34.71
CA GLU D 142 -20.12 11.92 -33.54
C GLU D 142 -19.67 12.82 -32.39
N MET D 143 -18.87 13.83 -32.69
CA MET D 143 -18.43 14.78 -31.66
C MET D 143 -19.61 15.52 -31.06
N ASN D 144 -20.58 15.91 -31.89
CA ASN D 144 -21.70 16.69 -31.37
C ASN D 144 -22.73 15.81 -30.68
N ASN D 145 -22.90 14.56 -31.13
CA ASN D 145 -23.69 13.62 -30.36
C ASN D 145 -23.11 13.42 -28.97
N GLN D 146 -21.78 13.37 -28.87
CA GLN D 146 -21.13 13.17 -27.58
C GLN D 146 -21.26 14.40 -26.69
N ALA D 147 -21.18 15.59 -27.29
CA ALA D 147 -21.38 16.81 -26.51
C ALA D 147 -22.73 16.79 -25.80
N LYS D 148 -23.79 16.41 -26.50
CA LYS D 148 -25.10 16.27 -25.89
C LYS D 148 -25.06 15.29 -24.72
N LYS D 149 -24.53 14.09 -24.95
CA LYS D 149 -24.55 13.04 -23.94
C LYS D 149 -23.84 13.46 -22.66
N LEU D 150 -22.79 14.26 -22.76
CA LEU D 150 -22.05 14.71 -21.60
C LEU D 150 -22.56 16.04 -21.04
N GLY D 151 -23.73 16.49 -21.45
CA GLY D 151 -24.38 17.63 -20.83
C GLY D 151 -24.01 19.00 -21.35
N MET D 152 -23.24 19.08 -22.44
CA MET D 152 -22.89 20.38 -23.02
C MET D 152 -24.11 21.03 -23.65
N SER D 153 -24.28 22.32 -23.38
CA SER D 153 -25.43 23.06 -23.88
C SER D 153 -25.42 23.14 -25.41
N SER D 154 -26.50 23.71 -25.97
CA SER D 154 -26.64 23.88 -27.41
C SER D 154 -25.74 24.99 -27.95
N LYS D 155 -25.02 25.71 -27.10
CA LYS D 155 -24.06 26.70 -27.59
C LYS D 155 -22.76 26.06 -28.05
N THR D 156 -22.56 24.77 -27.77
CA THR D 156 -21.41 24.01 -28.25
C THR D 156 -21.69 23.43 -29.62
N THR D 157 -20.75 23.60 -30.54
CA THR D 157 -20.80 22.99 -31.86
C THR D 157 -19.39 22.69 -32.32
N PHE D 158 -19.11 21.41 -32.59
CA PHE D 158 -17.85 20.99 -33.16
C PHE D 158 -17.97 20.88 -34.67
N VAL D 159 -16.87 21.14 -35.37
CA VAL D 159 -16.85 21.09 -36.83
C VAL D 159 -15.80 20.12 -37.38
N SER D 160 -14.85 19.67 -36.57
CA SER D 160 -13.69 18.93 -37.06
C SER D 160 -12.99 18.29 -35.87
N ALA D 161 -12.31 17.17 -36.14
CA ALA D 161 -11.55 16.48 -35.11
C ALA D 161 -10.47 17.37 -34.51
N SER D 162 -9.84 18.20 -35.36
CA SER D 162 -8.73 19.05 -34.95
C SER D 162 -9.17 20.40 -34.43
N GLY D 163 -10.35 20.84 -34.80
CA GLY D 163 -10.74 22.21 -34.53
C GLY D 163 -10.46 23.17 -35.66
N LEU D 164 -9.77 22.71 -36.72
CA LEU D 164 -9.66 23.49 -37.95
C LEU D 164 -11.05 23.80 -38.48
N ASP D 165 -11.25 25.05 -38.93
CA ASP D 165 -12.50 25.43 -39.58
C ASP D 165 -12.83 24.46 -40.70
N VAL D 166 -14.12 24.33 -41.00
CA VAL D 166 -14.54 23.47 -42.11
C VAL D 166 -15.64 24.20 -42.86
N ASP D 167 -15.46 24.40 -44.17
CA ASP D 167 -16.46 25.06 -45.00
C ASP D 167 -16.81 26.44 -44.43
N GLY D 168 -15.81 27.10 -43.83
CA GLY D 168 -15.96 28.43 -43.28
C GLY D 168 -16.60 28.50 -41.92
N LYS D 169 -16.89 27.37 -41.28
CA LYS D 169 -17.54 27.35 -39.98
C LYS D 169 -16.55 26.94 -38.90
N SER D 170 -16.73 27.50 -37.71
CA SER D 170 -15.78 27.32 -36.62
C SER D 170 -16.39 26.54 -35.46
N ALA D 171 -15.52 25.79 -34.78
CA ALA D 171 -15.85 25.17 -33.53
C ALA D 171 -16.05 26.25 -32.48
N VAL D 172 -17.13 26.12 -31.71
CA VAL D 172 -17.47 27.12 -30.70
C VAL D 172 -18.00 26.41 -29.45
N SER D 173 -17.93 27.12 -28.35
CA SER D 173 -18.36 26.64 -27.04
C SER D 173 -18.35 27.80 -26.06
N THR D 174 -18.55 27.49 -24.78
CA THR D 174 -18.49 28.45 -23.69
C THR D 174 -17.62 27.88 -22.59
N THR D 175 -17.15 28.75 -21.70
CA THR D 175 -16.31 28.24 -20.61
C THR D 175 -17.06 27.20 -19.78
N LYS D 176 -18.36 27.42 -19.56
CA LYS D 176 -19.15 26.44 -18.81
C LYS D 176 -19.19 25.10 -19.51
N ASP D 177 -19.47 25.09 -20.81
CA ASP D 177 -19.55 23.84 -21.55
C ASP D 177 -18.19 23.16 -21.62
N LEU D 178 -17.12 23.95 -21.78
CA LEU D 178 -15.77 23.40 -21.81
C LEU D 178 -15.39 22.80 -20.46
N PHE D 179 -15.87 23.39 -19.36
CA PHE D 179 -15.60 22.76 -18.07
C PHE D 179 -16.28 21.40 -18.00
N LEU D 180 -17.52 21.32 -18.47
CA LEU D 180 -18.25 20.06 -18.42
C LEU D 180 -17.54 18.98 -19.22
N LEU D 181 -17.04 19.35 -20.40
CA LEU D 181 -16.29 18.40 -21.22
C LEU D 181 -15.01 17.99 -20.50
N SER D 182 -14.23 18.95 -20.00
CA SER D 182 -12.93 18.61 -19.41
C SER D 182 -13.10 17.76 -18.16
N SER D 183 -14.06 18.09 -17.29
CA SER D 183 -14.23 17.35 -16.05
C SER D 183 -14.71 15.93 -16.33
N LYS D 184 -15.60 15.75 -17.31
CA LYS D 184 -16.08 14.41 -17.63
C LYS D 184 -15.00 13.60 -18.33
N LEU D 185 -14.13 14.26 -19.11
CA LEU D 185 -12.99 13.57 -19.69
C LEU D 185 -12.06 13.06 -18.60
N ILE D 186 -11.75 13.92 -17.63
CA ILE D 186 -10.83 13.56 -16.55
C ILE D 186 -11.42 12.47 -15.66
N SER D 187 -12.70 12.59 -15.32
CA SER D 187 -13.29 11.62 -14.40
C SER D 187 -13.55 10.29 -15.09
N THR D 188 -13.87 10.30 -16.40
CA THR D 188 -14.11 9.05 -17.13
C THR D 188 -12.80 8.38 -17.54
N HIS D 189 -11.81 9.17 -17.94
CA HIS D 189 -10.55 8.66 -18.46
C HIS D 189 -9.39 9.35 -17.76
N PRO D 190 -9.19 9.07 -16.47
CA PRO D 190 -8.14 9.77 -15.73
C PRO D 190 -6.76 9.56 -16.31
N GLU D 191 -6.52 8.47 -17.05
CA GLU D 191 -5.22 8.28 -17.67
C GLU D 191 -4.90 9.35 -18.71
N VAL D 192 -5.89 10.12 -19.17
CA VAL D 192 -5.58 11.22 -20.08
C VAL D 192 -4.49 12.11 -19.49
N LEU D 193 -4.44 12.24 -18.16
CA LEU D 193 -3.49 13.13 -17.53
C LEU D 193 -2.07 12.58 -17.58
N GLU D 194 -1.92 11.27 -17.79
CA GLU D 194 -0.58 10.72 -17.97
C GLU D 194 0.08 11.18 -19.26
N THR D 195 -0.72 11.59 -20.24
CA THR D 195 -0.17 12.20 -21.44
C THR D 195 -0.07 13.72 -21.31
N THR D 196 -1.08 14.41 -20.78
CA THR D 196 -1.06 15.87 -20.79
C THR D 196 -0.19 16.49 -19.69
N SER D 197 0.30 15.69 -18.76
CA SER D 197 1.13 16.23 -17.69
C SER D 197 2.62 16.21 -18.03
N LYS D 198 3.02 15.72 -19.20
CA LYS D 198 4.43 15.53 -19.52
C LYS D 198 4.92 16.61 -20.48
N PRO D 199 6.01 17.28 -20.17
CA PRO D 199 6.54 18.30 -21.11
C PRO D 199 7.14 17.69 -22.37
N THR D 200 7.61 16.45 -22.30
CA THR D 200 8.03 15.69 -23.48
C THR D 200 7.40 14.31 -23.39
N VAL D 201 6.70 13.90 -24.45
CA VAL D 201 6.22 12.52 -24.59
C VAL D 201 7.06 11.86 -25.67
N THR D 202 7.60 10.67 -25.37
CA THR D 202 8.33 9.87 -26.34
C THR D 202 7.37 8.85 -26.96
N THR D 203 7.16 8.95 -28.26
CA THR D 203 6.27 8.04 -28.95
C THR D 203 6.77 6.60 -28.83
N ASP D 204 5.86 5.66 -29.10
CA ASP D 204 6.28 4.27 -29.23
C ASP D 204 7.35 4.12 -30.31
N LYS D 205 7.33 4.99 -31.32
CA LYS D 205 8.29 5.01 -32.42
C LYS D 205 9.60 5.71 -32.07
N GLY D 206 9.75 6.23 -30.86
CA GLY D 206 10.99 6.86 -30.44
C GLY D 206 11.03 8.38 -30.58
N ALA D 207 10.20 8.96 -31.44
CA ALA D 207 10.24 10.41 -31.64
C ALA D 207 9.72 11.13 -30.40
N LYS D 208 10.35 12.26 -30.08
CA LYS D 208 10.00 13.06 -28.91
C LYS D 208 9.05 14.17 -29.33
N LEU D 209 7.96 14.31 -28.58
CA LEU D 209 6.94 15.33 -28.84
C LEU D 209 6.93 16.32 -27.70
N GLU D 210 7.08 17.61 -28.01
CA GLU D 210 7.15 18.64 -26.99
C GLU D 210 5.78 19.24 -26.73
N SER D 211 5.42 19.39 -25.46
CA SER D 211 4.11 19.93 -25.11
C SER D 211 4.05 21.43 -25.40
N THR D 212 2.89 21.88 -25.86
CA THR D 212 2.58 23.31 -25.96
C THR D 212 2.25 23.93 -24.60
N ASN D 213 2.05 23.12 -23.56
CA ASN D 213 1.68 23.61 -22.23
C ASN D 213 2.94 24.09 -21.52
N ASP D 214 3.24 25.39 -21.64
CA ASP D 214 4.49 25.90 -21.12
C ASP D 214 4.49 25.99 -19.60
N LEU D 215 3.34 25.82 -18.95
CA LEU D 215 3.24 25.94 -17.50
C LEU D 215 3.59 24.66 -16.75
N LEU D 216 3.75 23.53 -17.45
CA LEU D 216 4.13 22.29 -16.78
C LEU D 216 5.51 22.43 -16.15
N GLY D 217 5.63 21.97 -14.91
CA GLY D 217 6.81 22.17 -14.12
C GLY D 217 6.82 23.46 -13.31
N SER D 218 5.88 24.37 -13.57
CA SER D 218 5.87 25.71 -12.99
C SER D 218 4.76 25.94 -11.97
N ILE D 219 3.66 25.20 -12.04
CA ILE D 219 2.57 25.29 -11.07
C ILE D 219 2.44 23.93 -10.40
N GLN D 220 2.46 23.92 -9.07
CA GLN D 220 2.37 22.67 -8.35
C GLN D 220 1.01 22.02 -8.60
N GLY D 221 1.03 20.74 -8.96
CA GLY D 221 -0.19 20.01 -9.23
C GLY D 221 -0.73 20.16 -10.63
N LEU D 222 -0.16 21.01 -11.47
CA LEU D 222 -0.70 21.18 -12.82
C LEU D 222 -0.38 19.95 -13.68
N ASP D 223 -1.41 19.36 -14.30
CA ASP D 223 -1.21 18.14 -15.07
C ASP D 223 -2.02 18.13 -16.37
N GLY D 224 -2.49 19.28 -16.82
CA GLY D 224 -3.26 19.39 -18.05
C GLY D 224 -3.59 20.84 -18.32
N LEU D 225 -4.32 21.09 -19.41
CA LEU D 225 -4.94 20.09 -20.28
C LEU D 225 -4.66 20.31 -21.79
N LYS D 226 -4.92 21.51 -22.32
CA LYS D 226 -4.85 21.67 -23.76
C LYS D 226 -4.82 23.15 -24.15
N THR D 227 -3.98 23.47 -25.12
CA THR D 227 -3.87 24.80 -25.72
C THR D 227 -4.65 24.87 -27.03
N GLY D 228 -4.87 26.10 -27.49
CA GLY D 228 -5.41 26.35 -28.82
C GLY D 228 -5.03 27.75 -29.26
N PHE D 229 -5.06 27.97 -30.57
CA PHE D 229 -4.86 29.31 -31.11
C PHE D 229 -5.28 29.37 -32.56
N THR D 230 -6.11 30.36 -32.90
CA THR D 230 -6.30 30.87 -34.24
C THR D 230 -6.43 32.37 -34.13
N ASP D 231 -6.39 33.08 -35.26
CA ASP D 231 -6.64 34.51 -35.18
C ASP D 231 -8.00 34.80 -34.58
N GLU D 232 -9.02 34.02 -34.95
CA GLU D 232 -10.36 34.30 -34.47
C GLU D 232 -10.54 33.88 -33.01
N ALA D 233 -9.98 32.74 -32.62
CA ALA D 233 -10.14 32.29 -31.24
C ALA D 233 -9.15 32.92 -30.29
N GLY D 234 -8.12 33.61 -30.81
CA GLY D 234 -7.02 34.03 -29.98
C GLY D 234 -6.32 32.84 -29.31
N TYR D 235 -5.53 33.20 -28.29
CA TYR D 235 -4.75 32.23 -27.53
C TYR D 235 -5.58 31.65 -26.39
N CYS D 236 -5.74 30.33 -26.39
CA CYS D 236 -6.63 29.63 -25.47
C CYS D 236 -5.88 28.55 -24.71
N PHE D 237 -6.37 28.23 -23.52
CA PHE D 237 -5.79 27.15 -22.74
C PHE D 237 -6.79 26.66 -21.72
N ILE D 238 -6.92 25.34 -21.62
CA ILE D 238 -7.70 24.73 -20.56
C ILE D 238 -6.69 24.11 -19.61
N GLY D 239 -6.61 24.64 -18.38
CA GLY D 239 -5.71 24.11 -17.39
C GLY D 239 -6.39 23.18 -16.40
N THR D 240 -5.62 22.27 -15.79
CA THR D 240 -6.13 21.52 -14.66
C THR D 240 -4.99 21.20 -13.70
N ALA D 241 -5.31 21.19 -12.41
CA ALA D 241 -4.34 20.98 -11.35
C ALA D 241 -5.04 20.32 -10.18
N GLU D 242 -4.28 19.57 -9.39
CA GLU D 242 -4.84 18.95 -8.20
C GLU D 242 -3.83 19.05 -7.06
N ARG D 243 -4.32 19.40 -5.86
CA ARG D 243 -3.51 19.52 -4.65
C ARG D 243 -4.33 18.98 -3.47
N GLY D 244 -3.78 18.00 -2.76
CA GLY D 244 -4.42 17.46 -1.58
C GLY D 244 -5.85 16.99 -1.75
N GLY D 245 -6.17 16.40 -2.91
CA GLY D 245 -7.49 15.90 -3.18
C GLY D 245 -8.46 16.91 -3.76
N LYS D 246 -8.02 18.13 -4.03
CA LYS D 246 -8.86 19.15 -4.63
C LYS D 246 -8.33 19.42 -6.04
N ARG D 247 -9.22 19.31 -7.03
CA ARG D 247 -8.87 19.57 -8.42
C ARG D 247 -9.71 20.72 -8.95
N VAL D 248 -9.06 21.65 -9.66
CA VAL D 248 -9.75 22.72 -10.35
C VAL D 248 -9.47 22.63 -11.85
N ILE D 249 -10.37 23.23 -12.63
CA ILE D 249 -10.21 23.34 -14.08
C ILE D 249 -10.39 24.80 -14.45
N SER D 250 -9.39 25.36 -15.13
CA SER D 250 -9.39 26.73 -15.62
C SER D 250 -9.59 26.76 -17.13
N ILE D 251 -10.34 27.75 -17.61
CA ILE D 251 -10.58 27.96 -19.03
C ILE D 251 -10.19 29.39 -19.35
N VAL D 252 -9.38 29.57 -20.39
CA VAL D 252 -8.93 30.87 -20.88
C VAL D 252 -9.19 30.90 -22.39
N LEU D 253 -10.00 31.87 -22.84
CA LEU D 253 -10.35 32.00 -24.25
C LEU D 253 -10.02 33.41 -24.75
N ASP D 254 -9.33 33.47 -25.89
CA ASP D 254 -8.98 34.72 -26.59
C ASP D 254 -8.10 35.63 -25.74
N ALA D 255 -7.02 35.05 -25.22
CA ALA D 255 -5.97 35.89 -24.66
C ALA D 255 -5.12 36.45 -25.81
N GLY D 256 -4.36 37.50 -25.49
CA GLY D 256 -3.73 38.31 -26.51
C GLY D 256 -2.43 37.77 -27.07
N THR D 257 -1.67 37.02 -26.28
CA THR D 257 -0.43 36.39 -26.75
C THR D 257 -0.35 34.95 -26.25
N ALA D 258 0.65 34.22 -26.78
CA ALA D 258 0.86 32.84 -26.34
C ALA D 258 1.23 32.78 -24.87
N GLU D 259 1.99 33.76 -24.39
CA GLU D 259 2.32 33.79 -22.97
C GLU D 259 1.14 34.25 -22.13
N LYS D 260 0.33 35.18 -22.66
CA LYS D 260 -0.73 35.77 -21.84
C LYS D 260 -1.78 34.74 -21.43
N ARG D 261 -2.04 33.71 -22.26
CA ARG D 261 -2.99 32.68 -21.84
C ARG D 261 -2.47 31.94 -20.61
N PHE D 262 -1.16 31.88 -20.46
CA PHE D 262 -0.59 31.20 -19.29
C PHE D 262 -0.54 32.12 -18.08
N LYS D 263 -0.25 33.41 -18.30
CA LYS D 263 -0.35 34.40 -17.22
C LYS D 263 -1.76 34.44 -16.66
N ASP D 264 -2.77 34.47 -17.54
CA ASP D 264 -4.16 34.41 -17.10
C ASP D 264 -4.42 33.14 -16.29
N THR D 265 -3.86 32.01 -16.72
CA THR D 265 -4.06 30.74 -16.03
C THR D 265 -3.44 30.77 -14.64
N GLU D 266 -2.24 31.35 -14.50
CA GLU D 266 -1.62 31.44 -13.17
C GLU D 266 -2.52 32.19 -12.21
N LYS D 267 -3.12 33.30 -12.67
CA LYS D 267 -4.06 34.05 -11.86
C LYS D 267 -5.25 33.19 -11.44
N LEU D 268 -5.78 32.40 -12.39
CA LEU D 268 -6.98 31.63 -12.11
C LEU D 268 -6.70 30.44 -11.18
N MET D 269 -5.49 29.88 -11.27
CA MET D 269 -5.11 28.77 -10.38
C MET D 269 -4.88 29.27 -8.96
N GLU D 270 -4.33 30.47 -8.81
CA GLU D 270 -4.21 31.09 -7.48
C GLU D 270 -5.59 31.27 -6.86
N VAL D 271 -6.55 31.77 -7.64
CA VAL D 271 -7.92 31.86 -7.15
C VAL D 271 -8.48 30.48 -6.85
N GLY D 272 -8.17 29.50 -7.69
CA GLY D 272 -8.73 28.17 -7.52
C GLY D 272 -8.29 27.49 -6.24
N PHE D 273 -7.07 27.72 -5.81
CA PHE D 273 -6.54 27.09 -4.61
C PHE D 273 -6.51 28.00 -3.41
N LYS D 274 -7.21 29.14 -3.46
CA LYS D 274 -7.25 30.02 -2.31
C LYS D 274 -7.93 29.30 -1.14
C8 AIX E . 24.15 20.17 -6.90
C5 AIX E . 22.15 18.92 -7.32
C6 AIX E . 23.73 16.64 -2.83
N1 AIX E . 20.51 16.86 -4.87
C2 AIX E . 22.67 17.10 -0.47
N3 AIX E . 21.61 15.68 -1.94
C4 AIX E . 20.80 18.34 -6.94
C1 AIX E . 24.77 15.81 -2.07
C3 AIX E . 20.89 16.98 -6.26
C7 AIX E . 22.94 19.66 -6.45
C9 AIX E . 24.56 19.93 -8.21
C10 AIX E . 23.75 19.21 -9.08
C11 AIX E . 22.54 18.71 -8.63
C12 AIX E . 22.38 16.92 -1.84
C13 AIX E . 21.80 15.20 -3.47
C14 AIX E . 20.55 15.55 -4.20
C15 AIX E . 19.35 15.53 -3.21
C16 AIX E . 24.32 17.98 -3.25
N2 AIX E . 20.03 18.18 -8.18
O1 AIX E . 22.61 16.09 0.31
O2 AIX E . 22.93 18.23 0.02
O3 AIX E . 21.25 16.02 -6.87
O4 AIX E . 18.88 16.55 -2.83
S1 AIX E . 23.25 15.91 -3.99
C1 GOL F . 16.73 -5.31 7.71
O1 GOL F . 17.84 -4.52 7.95
C2 GOL F . 16.87 -6.45 8.74
O2 GOL F . 15.77 -6.57 9.62
C3 GOL F . 17.14 -7.70 7.89
O3 GOL F . 18.49 -7.64 7.46
C8 AIX G . 8.68 -3.84 30.48
C5 AIX G . 9.64 -5.94 29.84
C6 AIX G . 6.27 -8.84 27.08
N1 AIX G . 9.33 -9.42 29.29
C2 AIX G . 7.12 -10.33 25.09
N3 AIX G . 7.29 -11.07 27.24
C4 AIX G . 10.36 -7.25 30.13
C1 AIX G . 4.87 -9.23 26.59
C3 AIX G . 9.39 -8.41 30.32
C7 AIX G . 9.34 -5.00 30.82
C9 AIX G . 8.34 -3.60 29.16
C10 AIX G . 8.65 -4.53 28.17
C11 AIX G . 9.30 -5.71 28.52
C12 AIX G . 7.39 -9.88 26.40
C13 AIX G . 7.10 -10.50 28.73
C14 AIX G . 8.42 -10.58 29.42
C15 AIX G . 9.21 -11.78 28.83
C16 AIX G . 6.60 -7.40 26.65
N2 AIX G . 11.14 -7.13 31.35
O1 AIX G . 7.46 -9.68 24.07
O2 AIX G . 6.56 -11.45 24.93
O3 AIX G . 8.70 -8.45 31.29
O4 AIX G . 10.16 -11.63 28.12
S1 AIX G . 6.36 -8.98 28.54
C1 GOL H . -5.02 -33.14 31.62
O1 GOL H . -5.40 -32.66 32.87
C2 GOL H . -3.51 -33.49 31.74
O2 GOL H . -3.10 -34.44 30.80
C3 GOL H . -2.70 -32.14 31.68
O3 GOL H . -3.12 -31.41 30.56
C8 AIX I . -14.12 4.55 1.44
C5 AIX I . -13.52 2.39 0.61
C6 AIX I . -17.02 -0.50 -2.14
N1 AIX I . -13.94 -1.19 -0.13
C2 AIX I . -16.65 -2.12 -4.19
N3 AIX I . -16.15 -2.83 -2.05
C4 AIX I . -12.91 0.98 0.76
C1 AIX I . -18.50 -0.61 -2.51
C3 AIX I . -13.91 -0.17 0.90
C7 AIX I . -13.59 3.28 1.66
C9 AIX I . -14.56 4.90 0.18
C10 AIX I . -14.48 4.00 -0.88
C11 AIX I . -13.94 2.74 -0.66
C12 AIX I . -16.13 -1.68 -2.94
C13 AIX I . -16.22 -2.23 -0.57
C14 AIX I . -14.84 -2.37 0.00
C15 AIX I . -14.16 -3.59 -0.70
C16 AIX I . -16.48 0.85 -2.58
N2 AIX I . -12.02 0.94 1.90
O1 AIX I . -17.31 -3.19 -4.25
O2 AIX I . -16.44 -1.48 -5.27
O3 AIX I . -14.63 -0.24 1.85
O4 AIX I . -13.22 -3.45 -1.43
S1 AIX I . -16.86 -0.66 -0.70
C1 GOL J . -26.96 -23.17 2.28
O1 GOL J . -25.67 -23.15 2.75
C2 GOL J . -27.65 -24.30 3.11
O2 GOL J . -28.84 -23.86 3.71
C3 GOL J . -27.91 -25.44 2.10
O3 GOL J . -26.66 -25.94 1.71
C8 AIX K . -1.13 28.87 -38.24
C5 AIX K . -2.76 27.91 -36.79
C6 AIX K . -1.00 25.45 -32.40
N1 AIX K . -4.27 25.89 -34.35
C2 AIX K . -2.03 25.89 -30.03
N3 AIX K . -3.06 24.46 -31.54
C4 AIX K . -4.11 27.30 -36.50
C1 AIX K . 0.04 24.59 -31.69
C3 AIX K . -4.02 25.96 -35.77
C7 AIX K . -2.39 28.31 -38.06
C9 AIX K . -0.28 29.03 -37.16
C10 AIX K . -0.67 28.63 -35.90
C11 AIX K . -1.92 28.07 -35.70
C12 AIX K . -2.33 25.71 -31.41
C13 AIX K . -2.96 24.08 -33.09
C14 AIX K . -4.23 24.56 -33.73
C15 AIX K . -5.32 24.56 -32.63
C16 AIX K . -0.43 26.84 -32.69
N2 AIX K . -4.79 27.07 -37.76
O1 AIX K . -2.12 24.90 -29.25
O2 AIX K . -1.73 27.02 -29.56
O3 AIX K . -3.73 24.96 -36.35
O4 AIX K . -5.80 25.58 -32.26
S1 AIX K . -1.49 24.73 -33.60
C1 GOL L . -7.44 0.89 -21.74
O1 GOL L . -6.47 1.26 -22.67
C2 GOL L . -7.89 2.18 -21.03
O2 GOL L . -9.07 2.02 -20.27
C3 GOL L . -8.03 3.25 -22.16
O3 GOL L . -6.96 4.12 -21.97
#